data_8YIC
#
_entry.id   8YIC
#
_cell.length_a   1.00
_cell.length_b   1.00
_cell.length_c   1.00
_cell.angle_alpha   90.00
_cell.angle_beta   90.00
_cell.angle_gamma   90.00
#
_symmetry.space_group_name_H-M   'P 1'
#
loop_
_entity.id
_entity.type
_entity.pdbx_description
1 polymer 'Guanine nucleotide-binding protein G(i) subunit alpha-1'
2 polymer 'Guanine nucleotide-binding protein G(I)/G(S)/G(T) subunit beta-1'
3 polymer 'Guanine nucleotide-binding protein G(I)/G(S)/G(O) subunit gamma-2'
4 polymer 'Endolysin,Sphingosine 1-phosphate receptor 1'
5 non-polymer SAR247799
#
loop_
_entity_poly.entity_id
_entity_poly.type
_entity_poly.pdbx_seq_one_letter_code
_entity_poly.pdbx_strand_id
1 'polypeptide(L)'
;EQKLISEEDLMGCTLSAEDKAAVERSKMIDRNLREDGEKAAREVKLLLLGAGESGKSTIVKQMKIIHEAGYSEEECKQYK
AVVYSNTIQSIIAIIRAMGRLKIDFGDSARADDARQLFVLAGAAEEGFMTAELAGVIKRLWKDSGVQACFNRSREYQLND
SAAYYLNDLDRIAQPNYIPTQQDVLRTRVKTTGIVETHFTFKDLHFKMFDVGGQRSERKKWIHCFEGVTAIIFCVALSDY
DLVLAEDEEMNRMHESMKLFDSICNNKWFTDTSIILFLNKKDLFEEKIKKSPLTICYPEYAGSNTYEEAAAYIQCQFEDL
NKRKDTKEIYTHFTCATDTKNVQFVFDAVTDVIIKNNLKDCGLF
;
A
2 'polypeptide(L)'
;GSSGSELDQLRQEAEQLKNQIRDARKACADATLSQITNNIDPVGRIQMRTRRTLRGHLAKIYAMHWGTDSRLLVSASQDG
KLIIWDSYTTNKVHAIPLRSSWVMTCAYAPSGNYVACGGLDNICSIYNLKTREGNVRVSRELAGHTGYLSCCRFLDDNQI
VTSSGDTTCALWDIETGQQTTTFTGHTGDVMSLSLAPDTRLFVSGACDASAKLWDVREGMCRQTFTGHESDINAICFFPN
GNAFATGSDDATCRLFDLRADQELMTYSHDNIICGITSVSFSKSGRLLLAGYDDFNCNVWDALKADRAGVLAGHDNRVSC
LGVTDDGMAVATGSWDSFLKIWN
;
B
3 'polypeptide(L)' MASNNTASIAQARKLVEQLKMEANIDRIKVSKAAADLMAYCEAHAKEDPLLTPVPASENPFREKKFFCAIL C
4 'polypeptide(L)'
;DYKDDDDANIFEMLRIDEGLRLKIYKNTEGYYTIGIGHLLTKSPSLNAAKSELDKAIGRNTNGVITKDEAEKLFNQDVDA
AVRGILRNAKLKPVYDSLDAVRRAALINMVFQMGETGVAGFTNSLRMLQQKRWDEAAVNLAKSRWYNQTPNRAKRVITTF
RTGTWDAYMGPTSVPLVKAHRSSVSDYVNYDIIVRHYNYTGKLNISADKENSIKLTSVVFILICCFIILENIFVLLTIWK
TKKFHRPMYYFIGNLALSDLLAGVAYTANLLLSGATTYKLTPAQWFLREGSMFVALSASVFSLLAIAIERYITMLKMKLH
NGSNNFRLFLLISACWVISLILGGLPIMGWNCISALSSCSTVLPLYHKHYILFCTTVFTLLLLSIVILYCRIYSLVRTRS
RRLTFRKNISKASRSSEKSLALLKTVIIVLSVFIACWAPLFILLLLDVGCKVKTCDILFRAEYFLVLAVLNSGTNPIIYT
LTNKEMRRAFIRIMSCCKCPSGDSAHHHHHHHHHH
;
R
#
loop_
_chem_comp.id
_chem_comp.type
_chem_comp.name
_chem_comp.formula
A1LYQ non-polymer SAR247799 'C21 H16 Cl N3 O5'
#
# COMPACT_ATOMS: atom_id res chain seq x y z
N LEU A 15 -6.23 -38.43 -1.40
CA LEU A 15 -4.92 -37.97 -1.84
C LEU A 15 -4.27 -39.00 -2.76
N SER A 16 -4.38 -38.78 -4.06
CA SER A 16 -3.82 -39.69 -5.06
C SER A 16 -2.33 -39.36 -5.25
N ALA A 17 -1.69 -40.10 -6.16
CA ALA A 17 -0.27 -39.88 -6.41
C ALA A 17 -0.02 -38.58 -7.17
N GLU A 18 -0.81 -38.31 -8.21
CA GLU A 18 -0.64 -37.07 -8.97
C GLU A 18 -0.95 -35.85 -8.12
N ASP A 19 -1.96 -35.94 -7.25
CA ASP A 19 -2.26 -34.83 -6.36
C ASP A 19 -1.11 -34.56 -5.39
N LYS A 20 -0.52 -35.64 -4.84
CA LYS A 20 0.62 -35.47 -3.95
C LYS A 20 1.81 -34.87 -4.67
N ALA A 21 2.05 -35.30 -5.91
CA ALA A 21 3.13 -34.73 -6.70
C ALA A 21 2.90 -33.25 -6.98
N ALA A 22 1.65 -32.88 -7.29
CA ALA A 22 1.34 -31.48 -7.52
C ALA A 22 1.54 -30.65 -6.25
N VAL A 23 1.14 -31.20 -5.09
CA VAL A 23 1.34 -30.50 -3.83
C VAL A 23 2.83 -30.33 -3.54
N GLU A 24 3.63 -31.36 -3.79
CA GLU A 24 5.07 -31.26 -3.58
C GLU A 24 5.69 -30.22 -4.51
N ARG A 25 5.26 -30.19 -5.78
CA ARG A 25 5.76 -29.18 -6.70
C ARG A 25 5.39 -27.78 -6.23
N SER A 26 4.15 -27.59 -5.77
CA SER A 26 3.73 -26.29 -5.26
C SER A 26 4.54 -25.90 -4.03
N LYS A 27 4.82 -26.85 -3.15
CA LYS A 27 5.61 -26.57 -1.96
C LYS A 27 7.03 -26.14 -2.34
N MET A 28 7.65 -26.84 -3.29
CA MET A 28 8.98 -26.47 -3.74
C MET A 28 8.98 -25.08 -4.38
N ILE A 29 7.97 -24.80 -5.21
CA ILE A 29 7.88 -23.49 -5.85
C ILE A 29 7.74 -22.39 -4.81
N ASP A 30 6.86 -22.60 -3.83
CA ASP A 30 6.66 -21.60 -2.79
C ASP A 30 7.91 -21.40 -1.94
N ARG A 31 8.60 -22.49 -1.62
CA ARG A 31 9.83 -22.37 -0.84
C ARG A 31 10.88 -21.57 -1.60
N ASN A 32 11.07 -21.89 -2.88
CA ASN A 32 12.06 -21.15 -3.69
C ASN A 32 11.66 -19.68 -3.81
N LEU A 33 10.38 -19.40 -4.02
CA LEU A 33 9.93 -18.02 -4.15
C LEU A 33 10.14 -17.24 -2.86
N ARG A 34 9.81 -17.84 -1.72
CA ARG A 34 10.02 -17.16 -0.44
C ARG A 34 11.49 -16.95 -0.16
N GLU A 35 12.33 -17.92 -0.54
CA GLU A 35 13.77 -17.76 -0.37
C GLU A 35 14.30 -16.60 -1.21
N ASP A 36 13.84 -16.50 -2.46
CA ASP A 36 14.32 -15.43 -3.34
C ASP A 36 13.73 -14.08 -2.98
N GLY A 37 12.55 -14.04 -2.34
CA GLY A 37 11.93 -12.78 -1.98
C GLY A 37 12.50 -12.10 -0.76
N GLU A 38 13.41 -12.76 -0.03
CA GLU A 38 14.01 -12.15 1.14
C GLU A 38 15.31 -11.42 0.80
N LYS A 39 16.08 -11.94 -0.17
CA LYS A 39 17.30 -11.28 -0.60
C LYS A 39 17.04 -9.94 -1.27
N ALA A 40 15.85 -9.77 -1.87
CA ALA A 40 15.50 -8.53 -2.53
C ALA A 40 14.90 -7.50 -1.59
N ALA A 41 14.74 -7.84 -0.31
CA ALA A 41 14.19 -6.91 0.68
C ALA A 41 15.26 -6.20 1.48
N ARG A 42 16.54 -6.41 1.14
CA ARG A 42 17.64 -5.75 1.82
C ARG A 42 18.47 -4.90 0.87
N GLU A 43 17.89 -4.49 -0.27
CA GLU A 43 18.57 -3.67 -1.26
C GLU A 43 17.89 -2.31 -1.31
N VAL A 44 18.67 -1.24 -1.14
CA VAL A 44 18.13 0.10 -1.14
C VAL A 44 17.98 0.58 -2.57
N LYS A 45 16.80 1.09 -2.91
CA LYS A 45 16.50 1.56 -4.25
C LYS A 45 16.49 3.08 -4.26
N LEU A 46 17.26 3.67 -5.18
CA LEU A 46 17.38 5.13 -5.31
C LEU A 46 17.04 5.52 -6.74
N LEU A 47 15.95 6.26 -6.91
CA LEU A 47 15.62 6.80 -8.22
C LEU A 47 16.53 7.97 -8.54
N LEU A 48 16.77 8.20 -9.82
CA LEU A 48 17.60 9.32 -10.28
C LEU A 48 16.80 10.17 -11.25
N LEU A 49 16.90 11.49 -11.12
CA LEU A 49 16.25 12.41 -12.03
C LEU A 49 17.20 13.53 -12.40
N GLY A 50 16.78 14.34 -13.36
CA GLY A 50 17.56 15.46 -13.85
C GLY A 50 17.14 15.84 -15.24
N ALA A 51 17.56 17.04 -15.66
CA ALA A 51 17.22 17.56 -16.97
C ALA A 51 18.15 16.94 -18.02
N GLY A 52 18.10 17.47 -19.24
CA GLY A 52 18.93 16.96 -20.32
C GLY A 52 20.42 17.08 -20.06
N GLU A 53 20.92 18.30 -20.00
CA GLU A 53 22.32 18.54 -19.69
C GLU A 53 22.49 18.82 -18.19
N SER A 54 22.03 17.86 -17.39
CA SER A 54 22.10 17.94 -15.93
C SER A 54 23.20 17.05 -15.36
N GLY A 55 24.09 16.55 -16.20
CA GLY A 55 25.22 15.76 -15.72
C GLY A 55 24.83 14.44 -15.08
N LYS A 56 23.83 13.76 -15.65
CA LYS A 56 23.48 12.42 -15.17
C LYS A 56 24.48 11.37 -15.64
N SER A 57 25.23 11.65 -16.70
CA SER A 57 26.20 10.68 -17.22
C SER A 57 27.45 10.63 -16.35
N THR A 58 27.87 11.78 -15.81
CA THR A 58 29.10 11.81 -15.04
C THR A 58 28.93 11.19 -13.65
N ILE A 59 27.73 11.31 -13.06
CA ILE A 59 27.52 10.74 -11.73
C ILE A 59 27.50 9.21 -11.80
N VAL A 60 26.89 8.64 -12.84
CA VAL A 60 26.90 7.19 -13.02
C VAL A 60 28.21 6.68 -13.57
N LYS A 61 29.11 7.58 -13.98
CA LYS A 61 30.47 7.20 -14.37
C LYS A 61 31.47 7.54 -13.28
N GLN A 62 31.02 8.12 -12.16
CA GLN A 62 31.93 8.68 -11.17
C GLN A 62 32.45 7.53 -10.29
N MET A 63 33.22 6.66 -10.93
CA MET A 63 34.06 5.64 -10.29
C MET A 63 33.32 4.80 -9.25
N LYS A 64 31.99 4.66 -9.37
CA LYS A 64 31.26 3.90 -8.37
C LYS A 64 30.37 2.81 -8.99
N ILE A 65 29.82 3.09 -10.17
CA ILE A 65 28.89 2.14 -10.78
C ILE A 65 29.65 0.97 -11.38
N ILE A 66 29.21 -0.24 -11.04
CA ILE A 66 29.83 -1.46 -11.54
C ILE A 66 28.95 -2.06 -12.63
N HIS A 67 27.71 -2.39 -12.27
CA HIS A 67 26.77 -2.99 -13.21
C HIS A 67 25.94 -1.90 -13.90
N THR A 192 16.89 0.42 -24.62
CA THR A 192 16.77 1.68 -23.89
C THR A 192 16.00 1.48 -22.59
N GLY A 193 15.15 2.45 -22.27
CA GLY A 193 14.35 2.36 -21.05
C GLY A 193 15.21 2.42 -19.80
N ILE A 194 14.78 1.66 -18.79
CA ILE A 194 15.51 1.64 -17.52
C ILE A 194 16.87 1.00 -17.73
N VAL A 195 17.91 1.65 -17.20
CA VAL A 195 19.26 1.11 -17.19
C VAL A 195 19.65 0.97 -15.71
N GLU A 196 19.35 -0.19 -15.14
CA GLU A 196 19.60 -0.40 -13.72
C GLU A 196 21.08 -0.61 -13.45
N THR A 197 21.58 0.02 -12.39
CA THR A 197 22.98 -0.05 -12.01
C THR A 197 23.11 -0.54 -10.58
N HIS A 198 24.06 -1.44 -10.36
CA HIS A 198 24.33 -2.04 -9.07
C HIS A 198 25.67 -1.57 -8.54
N PHE A 199 25.72 -1.25 -7.24
CA PHE A 199 26.98 -1.01 -6.58
C PHE A 199 26.80 -1.25 -5.08
N THR A 200 27.93 -1.43 -4.39
CA THR A 200 27.94 -1.80 -2.99
C THR A 200 28.87 -0.85 -2.26
N PHE A 201 28.45 -0.37 -1.09
CA PHE A 201 29.31 0.44 -0.24
C PHE A 201 29.18 -0.01 1.21
N LYS A 202 30.32 -0.14 1.89
CA LYS A 202 30.37 -0.69 3.24
C LYS A 202 29.68 -2.04 3.27
N ASP A 203 28.46 -2.08 3.82
CA ASP A 203 27.64 -3.28 3.84
C ASP A 203 26.36 -3.15 3.05
N LEU A 204 25.99 -1.95 2.62
CA LEU A 204 24.74 -1.74 1.89
C LEU A 204 24.93 -2.01 0.40
N HIS A 205 23.86 -2.51 -0.22
CA HIS A 205 23.82 -2.88 -1.63
C HIS A 205 22.81 -1.96 -2.31
N PHE A 206 23.28 -0.91 -2.96
CA PHE A 206 22.38 0.05 -3.57
C PHE A 206 21.95 -0.41 -4.96
N LYS A 207 20.91 0.24 -5.47
CA LYS A 207 20.38 -0.06 -6.80
C LYS A 207 19.81 1.23 -7.38
N MET A 208 20.35 1.67 -8.51
CA MET A 208 20.00 2.96 -9.09
C MET A 208 19.32 2.77 -10.43
N PHE A 209 18.17 3.40 -10.61
CA PHE A 209 17.39 3.33 -11.84
C PHE A 209 17.45 4.68 -12.54
N ASP A 210 18.13 4.73 -13.69
CA ASP A 210 18.27 5.96 -14.46
C ASP A 210 17.17 6.00 -15.51
N VAL A 211 16.02 6.57 -15.13
CA VAL A 211 14.88 6.69 -16.05
C VAL A 211 15.02 8.02 -16.78
N GLY A 212 15.74 7.99 -17.90
CA GLY A 212 15.95 9.18 -18.70
C GLY A 212 15.67 8.98 -20.18
N GLY A 213 15.54 7.72 -20.59
CA GLY A 213 15.28 7.41 -22.00
C GLY A 213 13.84 7.49 -22.44
N GLN A 214 12.92 7.80 -21.52
CA GLN A 214 11.50 7.85 -21.84
C GLN A 214 11.11 9.26 -22.27
N ARG A 215 10.50 9.36 -23.45
CA ARG A 215 9.97 10.62 -23.96
C ARG A 215 8.45 10.67 -23.89
N SER A 216 7.82 9.70 -23.24
CA SER A 216 6.37 9.67 -23.11
C SER A 216 5.95 10.51 -21.90
N GLU A 217 4.68 10.43 -21.54
CA GLU A 217 4.16 11.20 -20.40
C GLU A 217 4.59 10.53 -19.10
N ARG A 218 5.16 11.32 -18.19
CA ARG A 218 5.63 10.81 -16.91
C ARG A 218 4.49 10.42 -15.97
N LYS A 219 3.26 10.85 -16.26
CA LYS A 219 2.15 10.59 -15.35
C LYS A 219 1.69 9.14 -15.38
N LYS A 220 1.80 8.48 -16.53
CA LYS A 220 1.22 7.16 -16.71
C LYS A 220 2.10 6.02 -16.22
N TRP A 221 3.33 6.30 -15.78
CA TRP A 221 4.21 5.24 -15.28
C TRP A 221 4.98 5.63 -14.03
N ILE A 222 4.64 6.73 -13.37
CA ILE A 222 5.39 7.15 -12.19
C ILE A 222 4.91 6.44 -10.92
N HIS A 223 3.70 5.87 -10.92
CA HIS A 223 3.23 5.16 -9.74
C HIS A 223 3.95 3.85 -9.50
N CYS A 224 4.69 3.33 -10.50
CA CYS A 224 5.49 2.14 -10.28
C CYS A 224 6.58 2.38 -9.25
N PHE A 225 7.24 3.54 -9.31
CA PHE A 225 8.27 3.91 -8.35
C PHE A 225 7.59 4.57 -7.15
N GLU A 226 7.07 3.73 -6.26
CA GLU A 226 6.42 4.20 -5.05
C GLU A 226 7.13 3.80 -3.77
N GLY A 227 7.89 2.71 -3.78
CA GLY A 227 8.60 2.27 -2.58
C GLY A 227 10.07 2.64 -2.58
N VAL A 228 10.46 3.55 -3.46
CA VAL A 228 11.85 3.97 -3.55
C VAL A 228 12.26 4.67 -2.26
N THR A 229 13.51 4.45 -1.85
CA THR A 229 14.00 5.04 -0.61
C THR A 229 14.33 6.52 -0.77
N ALA A 230 14.86 6.90 -1.93
CA ALA A 230 15.27 8.29 -2.14
C ALA A 230 15.24 8.61 -3.62
N ILE A 231 15.23 9.91 -3.92
CA ILE A 231 15.17 10.42 -5.28
C ILE A 231 16.31 11.42 -5.45
N ILE A 232 17.43 10.96 -6.01
CA ILE A 232 18.55 11.83 -6.29
C ILE A 232 18.16 12.80 -7.42
N PHE A 233 18.52 14.07 -7.24
CA PHE A 233 18.21 15.12 -8.19
C PHE A 233 19.49 15.88 -8.51
N CYS A 234 19.75 16.10 -9.80
CA CYS A 234 20.94 16.81 -10.25
C CYS A 234 20.51 18.09 -10.96
N VAL A 235 21.11 19.21 -10.55
CA VAL A 235 20.85 20.51 -11.15
C VAL A 235 22.17 21.13 -11.57
N ALA A 236 22.23 21.65 -12.79
CA ALA A 236 23.44 22.24 -13.34
C ALA A 236 23.56 23.68 -12.86
N LEU A 237 24.56 23.97 -12.04
CA LEU A 237 24.79 25.30 -11.53
C LEU A 237 25.37 26.25 -12.58
N SER A 238 26.11 25.73 -13.54
CA SER A 238 26.80 26.54 -14.54
C SER A 238 25.91 26.91 -15.73
N ASP A 239 24.59 26.82 -15.58
CA ASP A 239 23.65 27.10 -16.66
C ASP A 239 22.62 28.13 -16.22
N TYR A 240 23.06 29.16 -15.49
CA TYR A 240 22.15 30.20 -15.03
C TYR A 240 21.86 31.24 -16.08
N ASP A 241 22.62 31.27 -17.18
CA ASP A 241 22.48 32.30 -18.20
C ASP A 241 22.25 31.77 -19.61
N LEU A 242 22.66 30.55 -19.92
CA LEU A 242 22.51 30.03 -21.27
C LEU A 242 21.04 29.80 -21.60
N VAL A 243 20.64 30.21 -22.81
CA VAL A 243 19.26 30.04 -23.24
C VAL A 243 18.99 28.56 -23.49
N LEU A 244 17.81 28.10 -23.08
CA LEU A 244 17.45 26.70 -23.26
C LEU A 244 17.37 26.35 -24.74
N ALA A 245 17.75 25.11 -25.07
CA ALA A 245 17.72 24.65 -26.44
C ALA A 245 16.27 24.52 -26.93
N GLU A 246 16.10 24.78 -28.23
CA GLU A 246 14.86 24.58 -28.99
C GLU A 246 13.70 25.41 -28.45
N ASP A 247 13.95 26.23 -27.42
CA ASP A 247 12.92 27.08 -26.84
C ASP A 247 13.61 28.26 -26.17
N GLU A 248 13.29 29.47 -26.63
CA GLU A 248 13.94 30.67 -26.10
C GLU A 248 13.54 30.90 -24.65
N GLU A 249 14.46 31.53 -23.92
CA GLU A 249 14.28 31.93 -22.52
C GLU A 249 14.27 30.74 -21.57
N MET A 250 13.76 30.95 -20.35
CA MET A 250 13.82 30.04 -19.21
C MET A 250 15.24 29.84 -18.70
N ASN A 251 16.23 30.38 -19.41
CA ASN A 251 17.62 30.48 -18.95
C ASN A 251 18.17 29.15 -18.42
N ARG A 252 17.63 28.03 -18.90
CA ARG A 252 18.05 26.67 -18.56
C ARG A 252 17.84 26.35 -17.08
N MET A 253 17.24 27.24 -16.29
CA MET A 253 17.02 27.02 -14.87
C MET A 253 15.56 27.14 -14.45
N HIS A 254 14.78 28.01 -15.10
CA HIS A 254 13.39 28.18 -14.73
C HIS A 254 12.59 26.89 -14.94
N GLU A 255 12.77 26.24 -16.09
CA GLU A 255 12.05 24.99 -16.31
C GLU A 255 12.56 23.90 -15.38
N SER A 256 13.82 24.00 -14.96
CA SER A 256 14.33 23.09 -13.94
C SER A 256 13.58 23.28 -12.63
N MET A 257 13.31 24.53 -12.25
CA MET A 257 12.54 24.75 -11.02
C MET A 257 11.10 24.27 -11.18
N LYS A 258 10.49 24.46 -12.36
CA LYS A 258 9.16 23.87 -12.56
C LYS A 258 9.20 22.35 -12.45
N LEU A 259 10.22 21.70 -13.02
CA LEU A 259 10.32 20.25 -12.92
C LEU A 259 10.50 19.82 -11.47
N PHE A 260 11.32 20.53 -10.71
CA PHE A 260 11.51 20.21 -9.30
C PHE A 260 10.21 20.37 -8.52
N ASP A 261 9.45 21.44 -8.82
CA ASP A 261 8.17 21.64 -8.15
C ASP A 261 7.19 20.54 -8.50
N SER A 262 7.16 20.11 -9.77
CA SER A 262 6.25 19.05 -10.18
C SER A 262 6.61 17.72 -9.53
N ILE A 263 7.90 17.43 -9.41
CA ILE A 263 8.30 16.13 -8.87
C ILE A 263 8.30 16.11 -7.34
N CYS A 264 8.41 17.26 -6.69
CA CYS A 264 8.46 17.30 -5.23
C CYS A 264 7.07 17.30 -4.61
N ASN A 265 6.17 18.12 -5.12
CA ASN A 265 4.80 18.21 -4.60
C ASN A 265 3.87 17.25 -5.32
N ASN A 266 4.23 15.98 -5.35
CA ASN A 266 3.42 14.94 -5.97
C ASN A 266 2.60 14.22 -4.91
N LYS A 267 1.62 13.45 -5.37
CA LYS A 267 0.75 12.70 -4.47
C LYS A 267 1.32 11.36 -4.04
N TRP A 268 2.26 10.81 -4.81
CA TRP A 268 2.88 9.54 -4.46
C TRP A 268 4.14 9.70 -3.61
N PHE A 269 4.87 10.81 -3.77
CA PHE A 269 6.11 11.05 -3.04
C PHE A 269 5.82 11.99 -1.88
N THR A 270 5.33 11.42 -0.77
CA THR A 270 5.05 12.17 0.43
C THR A 270 6.00 11.86 1.58
N ASP A 271 6.74 10.75 1.51
CA ASP A 271 7.66 10.35 2.56
C ASP A 271 8.98 9.88 1.97
N THR A 272 9.42 10.54 0.89
CA THR A 272 10.65 10.20 0.20
C THR A 272 11.57 11.41 0.17
N SER A 273 12.84 11.20 0.49
CA SER A 273 13.81 12.28 0.48
C SER A 273 14.09 12.72 -0.95
N ILE A 274 14.56 13.96 -1.08
CA ILE A 274 14.71 14.62 -2.37
C ILE A 274 16.18 15.01 -2.52
N ILE A 275 17.08 14.14 -2.07
CA ILE A 275 18.52 14.39 -2.06
C ILE A 275 18.95 15.07 -3.35
N LEU A 276 19.64 16.20 -3.22
CA LEU A 276 19.88 17.09 -4.35
C LEU A 276 21.37 17.33 -4.50
N PHE A 277 21.90 16.99 -5.68
CA PHE A 277 23.29 17.27 -6.01
C PHE A 277 23.37 18.50 -6.91
N LEU A 278 24.25 19.43 -6.56
CA LEU A 278 24.46 20.63 -7.35
C LEU A 278 25.69 20.42 -8.22
N ASN A 279 25.52 20.58 -9.53
CA ASN A 279 26.54 20.22 -10.51
C ASN A 279 27.63 21.28 -10.62
N LYS A 280 28.40 21.21 -11.71
CA LYS A 280 29.70 21.86 -11.88
C LYS A 280 29.73 23.25 -11.26
N LYS A 281 30.70 23.46 -10.37
CA LYS A 281 30.86 24.71 -9.64
C LYS A 281 32.10 25.49 -10.04
N ASP A 282 33.15 24.80 -10.54
CA ASP A 282 34.32 25.52 -11.02
C ASP A 282 33.97 26.42 -12.19
N LEU A 283 33.21 25.90 -13.15
CA LEU A 283 32.70 26.74 -14.23
C LEU A 283 31.77 27.81 -13.68
N PHE A 284 30.94 27.44 -12.69
CA PHE A 284 30.04 28.41 -12.07
C PHE A 284 30.81 29.55 -11.41
N GLU A 285 31.85 29.21 -10.64
CA GLU A 285 32.58 30.27 -9.94
C GLU A 285 33.42 31.10 -10.89
N GLU A 286 33.95 30.50 -11.97
CA GLU A 286 34.72 31.29 -12.92
C GLU A 286 33.83 32.16 -13.80
N LYS A 287 32.58 31.76 -14.02
CA LYS A 287 31.68 32.54 -14.85
C LYS A 287 31.01 33.66 -14.06
N ILE A 288 30.57 33.37 -12.83
CA ILE A 288 29.90 34.37 -12.03
C ILE A 288 30.84 35.52 -11.66
N LYS A 289 32.16 35.28 -11.71
CA LYS A 289 33.12 36.34 -11.43
C LYS A 289 33.09 37.43 -12.49
N LYS A 290 32.60 37.13 -13.70
CA LYS A 290 32.60 38.08 -14.79
C LYS A 290 31.26 38.16 -15.53
N SER A 291 30.20 37.56 -14.98
CA SER A 291 28.90 37.58 -15.63
C SER A 291 27.82 38.00 -14.65
N PRO A 292 26.78 38.66 -15.12
CA PRO A 292 25.69 39.08 -14.23
C PRO A 292 24.79 37.91 -13.85
N LEU A 293 24.23 38.01 -12.64
CA LEU A 293 23.30 37.01 -12.14
C LEU A 293 21.84 37.48 -12.17
N THR A 294 21.61 38.79 -12.23
CA THR A 294 20.26 39.33 -12.17
C THR A 294 19.40 38.96 -13.38
N ILE A 295 20.01 38.44 -14.45
CA ILE A 295 19.22 38.09 -15.63
C ILE A 295 18.26 36.96 -15.34
N CYS A 296 18.68 36.01 -14.50
CA CYS A 296 17.80 34.89 -14.14
C CYS A 296 16.95 35.21 -12.91
N TYR A 297 17.51 35.93 -11.94
CA TYR A 297 16.78 36.35 -10.74
C TYR A 297 16.88 37.86 -10.63
N PRO A 298 15.95 38.60 -11.22
CA PRO A 298 16.01 40.07 -11.16
C PRO A 298 15.46 40.63 -9.86
N GLU A 299 15.85 40.04 -8.73
CA GLU A 299 15.46 40.57 -7.43
C GLU A 299 16.59 40.50 -6.41
N TYR A 300 17.82 40.21 -6.83
CA TYR A 300 18.92 39.92 -5.92
C TYR A 300 19.89 41.10 -5.93
N ALA A 301 19.98 41.81 -4.81
CA ALA A 301 20.84 42.97 -4.68
C ALA A 301 22.17 42.65 -3.98
N GLY A 302 22.46 41.39 -3.74
CA GLY A 302 23.68 41.01 -3.05
C GLY A 302 24.89 41.07 -3.95
N SER A 303 26.04 40.73 -3.36
CA SER A 303 27.30 40.73 -4.09
C SER A 303 27.36 39.57 -5.07
N ASN A 304 28.37 39.62 -5.94
CA ASN A 304 28.57 38.60 -6.96
C ASN A 304 29.54 37.50 -6.52
N THR A 305 29.73 37.34 -5.21
CA THR A 305 30.66 36.33 -4.71
C THR A 305 30.07 34.93 -4.83
N TYR A 306 30.96 33.93 -4.72
CA TYR A 306 30.53 32.54 -4.83
C TYR A 306 29.60 32.14 -3.69
N GLU A 307 29.95 32.50 -2.46
CA GLU A 307 29.23 31.98 -1.29
C GLU A 307 27.79 32.47 -1.28
N GLU A 308 27.58 33.77 -1.46
CA GLU A 308 26.22 34.33 -1.41
C GLU A 308 25.35 33.80 -2.53
N ALA A 309 25.90 33.72 -3.75
CA ALA A 309 25.14 33.19 -4.87
C ALA A 309 24.77 31.73 -4.65
N ALA A 310 25.72 30.91 -4.18
CA ALA A 310 25.44 29.51 -3.94
C ALA A 310 24.38 29.34 -2.84
N ALA A 311 24.48 30.13 -1.77
CA ALA A 311 23.49 30.05 -0.71
C ALA A 311 22.10 30.46 -1.21
N TYR A 312 22.04 31.51 -2.04
CA TYR A 312 20.76 31.97 -2.55
C TYR A 312 20.13 30.90 -3.44
N ILE A 313 20.95 30.28 -4.30
CA ILE A 313 20.43 29.21 -5.16
C ILE A 313 19.93 28.04 -4.32
N GLN A 314 20.69 27.68 -3.28
CA GLN A 314 20.30 26.58 -2.41
C GLN A 314 18.97 26.87 -1.72
N CYS A 315 18.81 28.09 -1.20
CA CYS A 315 17.57 28.43 -0.49
C CYS A 315 16.40 28.54 -1.46
N GLN A 316 16.64 29.00 -2.69
CA GLN A 316 15.58 29.04 -3.69
C GLN A 316 15.11 27.64 -4.05
N PHE A 317 16.04 26.71 -4.23
CA PHE A 317 15.65 25.34 -4.55
C PHE A 317 15.03 24.64 -3.35
N GLU A 318 15.43 25.01 -2.13
CA GLU A 318 14.92 24.38 -0.92
C GLU A 318 13.61 25.01 -0.42
N ASP A 319 13.16 26.10 -1.04
CA ASP A 319 11.94 26.78 -0.61
C ASP A 319 10.70 26.28 -1.34
N LEU A 320 10.84 25.34 -2.26
CA LEU A 320 9.72 24.79 -3.00
C LEU A 320 9.10 23.57 -2.32
N ASN A 321 9.66 23.13 -1.19
CA ASN A 321 9.15 21.96 -0.48
C ASN A 321 7.93 22.36 0.32
N LYS A 322 6.74 22.11 -0.24
CA LYS A 322 5.51 22.42 0.47
C LYS A 322 5.33 21.52 1.69
N ARG A 323 5.64 20.23 1.55
CA ARG A 323 5.52 19.28 2.66
C ARG A 323 6.71 19.47 3.59
N LYS A 324 6.62 20.53 4.41
CA LYS A 324 7.70 20.89 5.31
C LYS A 324 7.82 19.98 6.52
N ASP A 325 6.84 19.10 6.76
CA ASP A 325 6.82 18.28 7.96
C ASP A 325 7.09 16.80 7.71
N THR A 326 6.88 16.31 6.49
CA THR A 326 7.05 14.90 6.18
C THR A 326 8.37 14.60 5.50
N LYS A 327 8.67 15.29 4.41
CA LYS A 327 9.88 15.05 3.63
C LYS A 327 10.90 16.15 3.88
N GLU A 328 12.18 15.77 3.80
CA GLU A 328 13.29 16.69 3.98
C GLU A 328 14.21 16.62 2.77
N ILE A 329 14.80 17.75 2.42
CA ILE A 329 15.68 17.87 1.25
C ILE A 329 17.10 18.13 1.73
N TYR A 330 18.03 17.29 1.29
CA TYR A 330 19.44 17.49 1.57
C TYR A 330 20.12 18.17 0.38
N THR A 331 21.23 18.85 0.67
CA THR A 331 21.93 19.62 -0.34
C THR A 331 23.42 19.27 -0.29
N HIS A 332 24.06 19.26 -1.44
CA HIS A 332 25.49 18.96 -1.53
C HIS A 332 26.02 19.48 -2.86
N PHE A 333 27.17 20.14 -2.82
CA PHE A 333 27.84 20.61 -4.04
C PHE A 333 28.75 19.49 -4.56
N THR A 334 28.64 19.21 -5.84
CA THR A 334 29.36 18.08 -6.43
C THR A 334 30.87 18.26 -6.26
N CYS A 335 31.54 17.21 -5.80
CA CYS A 335 32.97 17.20 -5.60
C CYS A 335 33.61 16.17 -6.54
N ALA A 336 34.87 16.43 -6.91
CA ALA A 336 35.57 15.54 -7.82
C ALA A 336 35.79 14.17 -7.19
N THR A 337 36.03 14.13 -5.88
CA THR A 337 36.29 12.87 -5.20
C THR A 337 35.02 12.01 -5.15
N ASP A 338 35.15 10.75 -5.55
CA ASP A 338 34.01 9.84 -5.49
C ASP A 338 33.63 9.53 -4.04
N THR A 339 34.62 9.48 -3.15
CA THR A 339 34.35 9.13 -1.76
C THR A 339 33.40 10.13 -1.10
N LYS A 340 33.56 11.43 -1.41
CA LYS A 340 32.70 12.43 -0.81
C LYS A 340 31.24 12.21 -1.19
N ASN A 341 30.97 12.04 -2.49
CA ASN A 341 29.60 11.83 -2.95
C ASN A 341 29.02 10.54 -2.39
N VAL A 342 29.81 9.45 -2.41
CA VAL A 342 29.31 8.18 -1.92
C VAL A 342 29.01 8.25 -0.43
N GLN A 343 29.89 8.91 0.34
CA GLN A 343 29.66 9.05 1.78
C GLN A 343 28.43 9.91 2.06
N PHE A 344 28.23 10.96 1.25
CA PHE A 344 27.03 11.78 1.43
C PHE A 344 25.77 10.96 1.17
N VAL A 345 25.77 10.16 0.10
CA VAL A 345 24.61 9.33 -0.20
C VAL A 345 24.38 8.32 0.92
N PHE A 346 25.46 7.72 1.43
CA PHE A 346 25.34 6.74 2.51
C PHE A 346 24.77 7.39 3.77
N ASP A 347 25.25 8.59 4.11
CA ASP A 347 24.73 9.29 5.28
C ASP A 347 23.26 9.62 5.11
N ALA A 348 22.87 10.11 3.93
CA ALA A 348 21.46 10.44 3.71
C ALA A 348 20.58 9.20 3.82
N VAL A 349 21.00 8.09 3.21
CA VAL A 349 20.14 6.90 3.23
C VAL A 349 20.10 6.30 4.64
N THR A 350 21.19 6.35 5.40
CA THR A 350 21.13 5.84 6.76
C THR A 350 20.29 6.73 7.66
N ASP A 351 20.29 8.05 7.43
CA ASP A 351 19.38 8.92 8.15
C ASP A 351 17.94 8.60 7.82
N VAL A 352 17.65 8.33 6.54
CA VAL A 352 16.30 7.95 6.14
C VAL A 352 15.89 6.65 6.81
N ILE A 353 16.81 5.69 6.88
CA ILE A 353 16.53 4.41 7.53
C ILE A 353 16.24 4.62 9.01
N ILE A 354 17.03 5.46 9.68
CA ILE A 354 16.82 5.74 11.10
C ILE A 354 15.44 6.36 11.31
N LYS A 355 15.08 7.34 10.48
CA LYS A 355 13.78 7.99 10.63
C LYS A 355 12.65 7.00 10.38
N ASN A 356 12.80 6.14 9.37
CA ASN A 356 11.76 5.15 9.07
C ASN A 356 11.60 4.18 10.23
N ASN A 357 12.71 3.73 10.82
CA ASN A 357 12.62 2.82 11.96
C ASN A 357 11.95 3.50 13.15
N LEU A 358 12.30 4.76 13.41
CA LEU A 358 11.69 5.50 14.52
C LEU A 358 10.19 5.64 14.31
N LYS A 359 9.77 5.96 13.08
CA LYS A 359 8.34 6.05 12.81
C LYS A 359 7.65 4.69 12.91
N ASP A 360 8.33 3.62 12.50
CA ASP A 360 7.73 2.29 12.55
C ASP A 360 7.52 1.82 13.98
N CYS A 361 8.50 2.07 14.87
CA CYS A 361 8.37 1.62 16.25
C CYS A 361 7.29 2.38 17.02
N GLY A 362 6.78 3.48 16.48
CA GLY A 362 5.85 4.31 17.21
C GLY A 362 6.50 5.22 18.23
N LEU A 363 7.82 5.21 18.31
CA LEU A 363 8.57 6.01 19.27
C LEU A 363 8.89 7.41 18.74
N PHE A 364 8.53 7.70 17.50
CA PHE A 364 8.79 9.01 16.91
C PHE A 364 7.95 10.09 17.58
N GLY B 4 -0.20 28.13 -47.27
CA GLY B 4 -0.94 29.08 -48.09
C GLY B 4 -2.24 28.51 -48.63
N SER B 5 -2.38 28.56 -49.95
CA SER B 5 -3.59 28.03 -50.58
C SER B 5 -3.72 26.53 -50.36
N GLU B 6 -2.60 25.80 -50.45
CA GLU B 6 -2.65 24.36 -50.24
C GLU B 6 -3.10 24.03 -48.82
N LEU B 7 -2.45 24.64 -47.82
CA LEU B 7 -2.76 24.31 -46.43
C LEU B 7 -4.18 24.71 -46.06
N ASP B 8 -4.60 25.92 -46.46
CA ASP B 8 -5.93 26.38 -46.05
C ASP B 8 -7.01 25.59 -46.78
N GLN B 9 -6.81 25.29 -48.06
CA GLN B 9 -7.75 24.44 -48.77
C GLN B 9 -7.84 23.06 -48.14
N LEU B 10 -6.69 22.49 -47.75
CA LEU B 10 -6.70 21.15 -47.17
C LEU B 10 -7.44 21.11 -45.84
N ARG B 11 -7.15 22.04 -44.92
CA ARG B 11 -7.84 21.88 -43.64
C ARG B 11 -9.28 22.38 -43.69
N GLN B 12 -9.63 23.27 -44.63
CA GLN B 12 -11.05 23.58 -44.80
C GLN B 12 -11.80 22.38 -45.37
N GLU B 13 -11.18 21.65 -46.31
CA GLU B 13 -11.79 20.43 -46.82
C GLU B 13 -11.95 19.40 -45.70
N ALA B 14 -10.95 19.29 -44.84
CA ALA B 14 -11.07 18.43 -43.67
C ALA B 14 -12.21 18.88 -42.77
N GLU B 15 -12.40 20.19 -42.64
CA GLU B 15 -13.51 20.72 -41.84
C GLU B 15 -14.86 20.30 -42.40
N GLN B 16 -15.04 20.47 -43.72
CA GLN B 16 -16.32 20.03 -44.30
C GLN B 16 -16.50 18.53 -44.22
N LEU B 17 -15.41 17.76 -44.38
CA LEU B 17 -15.52 16.31 -44.25
C LEU B 17 -15.94 15.92 -42.84
N LYS B 18 -15.34 16.54 -41.83
CA LYS B 18 -15.73 16.27 -40.45
C LYS B 18 -17.18 16.66 -40.20
N ASN B 19 -17.61 17.81 -40.74
CA ASN B 19 -18.99 18.25 -40.55
C ASN B 19 -19.98 17.27 -41.18
N GLN B 20 -19.70 16.82 -42.40
CA GLN B 20 -20.62 15.89 -43.05
C GLN B 20 -20.59 14.51 -42.39
N ILE B 21 -19.43 14.09 -41.87
CA ILE B 21 -19.37 12.83 -41.12
C ILE B 21 -20.22 12.93 -39.87
N ARG B 22 -20.13 14.06 -39.15
CA ARG B 22 -20.95 14.25 -37.96
C ARG B 22 -22.43 14.30 -38.31
N ASP B 23 -22.77 14.93 -39.44
CA ASP B 23 -24.17 14.98 -39.87
C ASP B 23 -24.69 13.58 -40.19
N ALA B 24 -23.88 12.76 -40.87
CA ALA B 24 -24.29 11.39 -41.15
C ALA B 24 -24.42 10.58 -39.87
N ARG B 25 -23.52 10.80 -38.91
CA ARG B 25 -23.63 10.13 -37.62
C ARG B 25 -24.93 10.49 -36.91
N LYS B 26 -25.28 11.77 -36.92
CA LYS B 26 -26.49 12.22 -36.23
C LYS B 26 -27.76 11.73 -36.93
N ALA B 27 -27.72 11.68 -38.27
CA ALA B 27 -28.93 11.35 -39.03
C ALA B 27 -29.41 9.93 -38.74
N CYS B 28 -28.50 8.97 -38.67
CA CYS B 28 -28.88 7.58 -38.49
C CYS B 28 -29.29 7.25 -37.06
N ALA B 29 -29.08 8.17 -36.11
CA ALA B 29 -29.46 7.94 -34.72
C ALA B 29 -30.89 8.43 -34.52
N ASP B 30 -31.80 7.49 -34.23
CA ASP B 30 -33.20 7.82 -34.02
C ASP B 30 -33.67 7.59 -32.60
N ALA B 31 -33.06 6.65 -31.89
CA ALA B 31 -33.47 6.33 -30.52
C ALA B 31 -32.25 5.86 -29.74
N THR B 32 -32.48 5.34 -28.54
CA THR B 32 -31.43 4.86 -27.66
C THR B 32 -31.76 3.44 -27.20
N LEU B 33 -30.73 2.73 -26.73
CA LEU B 33 -30.93 1.37 -26.26
C LEU B 33 -31.93 1.31 -25.10
N SER B 34 -31.98 2.35 -24.28
CA SER B 34 -32.97 2.40 -23.21
C SER B 34 -34.38 2.44 -23.78
N GLN B 35 -34.59 3.23 -24.84
CA GLN B 35 -35.91 3.30 -25.46
C GLN B 35 -36.28 1.98 -26.13
N ILE B 36 -35.32 1.35 -26.82
CA ILE B 36 -35.61 0.10 -27.50
C ILE B 36 -35.88 -1.02 -26.50
N THR B 37 -35.19 -1.01 -25.36
CA THR B 37 -35.33 -2.04 -24.35
C THR B 37 -35.94 -1.49 -23.06
N ASN B 38 -36.97 -0.66 -23.20
CA ASN B 38 -37.66 -0.10 -22.04
C ASN B 38 -38.63 -1.07 -21.39
N ASN B 39 -38.85 -2.24 -21.99
CA ASN B 39 -39.77 -3.25 -21.45
C ASN B 39 -39.03 -4.58 -21.32
N ILE B 40 -38.33 -4.75 -20.19
CA ILE B 40 -37.65 -6.00 -19.88
C ILE B 40 -37.35 -5.99 -18.39
N ASP B 41 -37.35 -7.17 -17.79
CA ASP B 41 -37.18 -7.26 -16.34
C ASP B 41 -35.75 -6.91 -15.93
N PRO B 42 -35.56 -6.02 -14.95
CA PRO B 42 -34.21 -5.77 -14.44
C PRO B 42 -33.61 -7.03 -13.83
N VAL B 43 -32.29 -7.16 -13.97
CA VAL B 43 -31.58 -8.26 -13.34
C VAL B 43 -31.62 -8.08 -11.82
N GLY B 44 -31.92 -9.16 -11.11
CA GLY B 44 -31.99 -9.10 -9.67
C GLY B 44 -30.64 -8.82 -9.04
N ARG B 45 -30.68 -8.56 -7.72
CA ARG B 45 -29.46 -8.27 -6.99
C ARG B 45 -28.48 -9.42 -7.08
N ILE B 46 -27.27 -9.13 -7.55
CA ILE B 46 -26.25 -10.15 -7.79
C ILE B 46 -25.44 -10.33 -6.51
N GLN B 47 -25.38 -11.56 -6.02
CA GLN B 47 -24.58 -11.91 -4.85
C GLN B 47 -23.43 -12.79 -5.32
N MET B 48 -22.21 -12.36 -5.02
CA MET B 48 -21.01 -13.08 -5.38
C MET B 48 -20.09 -13.20 -4.17
N ARG B 49 -19.55 -14.41 -3.97
CA ARG B 49 -18.71 -14.69 -2.82
C ARG B 49 -17.37 -15.24 -3.30
N THR B 50 -16.30 -14.83 -2.62
CA THR B 50 -14.97 -15.33 -2.96
C THR B 50 -14.90 -16.84 -2.73
N ARG B 51 -14.34 -17.55 -3.70
CA ARG B 51 -14.16 -19.00 -3.58
C ARG B 51 -12.71 -19.41 -3.40
N ARG B 52 -11.76 -18.66 -3.97
CA ARG B 52 -10.35 -18.92 -3.82
C ARG B 52 -9.62 -17.62 -3.52
N THR B 53 -8.53 -17.73 -2.77
CA THR B 53 -7.78 -16.58 -2.26
C THR B 53 -6.30 -16.74 -2.60
N LEU B 54 -6.04 -17.00 -3.88
CA LEU B 54 -4.68 -17.20 -4.40
C LEU B 54 -3.73 -16.13 -3.87
N ARG B 55 -2.67 -16.59 -3.20
CA ARG B 55 -1.71 -15.70 -2.57
C ARG B 55 -0.30 -16.25 -2.76
N GLY B 56 0.67 -15.36 -2.64
CA GLY B 56 2.07 -15.74 -2.83
C GLY B 56 2.90 -14.67 -3.50
N HIS B 57 2.26 -13.61 -3.98
CA HIS B 57 2.96 -12.48 -4.58
C HIS B 57 3.41 -11.52 -3.49
N LEU B 58 4.53 -10.84 -3.74
CA LEU B 58 5.13 -9.92 -2.78
C LEU B 58 5.20 -8.50 -3.29
N ALA B 59 4.34 -8.13 -4.23
CA ALA B 59 4.31 -6.78 -4.78
C ALA B 59 2.95 -6.54 -5.42
N LYS B 60 2.80 -5.40 -6.08
CA LYS B 60 1.55 -5.07 -6.74
C LYS B 60 1.33 -5.96 -7.95
N ILE B 61 0.06 -6.16 -8.29
CA ILE B 61 -0.33 -6.95 -9.45
C ILE B 61 -0.77 -6.00 -10.54
N TYR B 62 -0.25 -6.19 -11.76
CA TYR B 62 -0.52 -5.28 -12.86
C TYR B 62 -1.25 -5.90 -14.04
N ALA B 63 -1.32 -7.22 -14.14
CA ALA B 63 -2.00 -7.85 -15.27
C ALA B 63 -2.40 -9.27 -14.91
N MET B 64 -3.29 -9.83 -15.71
CA MET B 64 -3.77 -11.19 -15.54
C MET B 64 -4.51 -11.60 -16.81
N HIS B 65 -4.32 -12.84 -17.22
CA HIS B 65 -4.96 -13.36 -18.43
C HIS B 65 -5.36 -14.81 -18.23
N TRP B 66 -6.61 -15.12 -18.51
CA TRP B 66 -7.09 -16.49 -18.42
C TRP B 66 -6.64 -17.31 -19.62
N GLY B 67 -6.49 -18.61 -19.41
CA GLY B 67 -6.15 -19.52 -20.47
C GLY B 67 -7.35 -19.86 -21.35
N THR B 68 -7.08 -20.66 -22.38
CA THR B 68 -8.12 -21.10 -23.30
C THR B 68 -8.75 -22.42 -22.85
N ASP B 69 -8.61 -22.76 -21.57
CA ASP B 69 -9.18 -23.99 -21.04
C ASP B 69 -9.91 -23.75 -19.72
N SER B 70 -9.78 -22.56 -19.14
CA SER B 70 -10.41 -22.22 -17.85
C SER B 70 -9.82 -23.04 -16.71
N ARG B 71 -8.50 -23.24 -16.75
CA ARG B 71 -7.84 -24.03 -15.73
C ARG B 71 -6.62 -23.31 -15.14
N LEU B 72 -5.99 -22.45 -15.94
CA LEU B 72 -4.71 -21.85 -15.57
C LEU B 72 -4.78 -20.34 -15.70
N LEU B 73 -4.09 -19.65 -14.79
CA LEU B 73 -3.99 -18.19 -14.80
C LEU B 73 -2.55 -17.76 -15.01
N VAL B 74 -2.37 -16.45 -15.14
CA VAL B 74 -1.05 -15.82 -15.23
C VAL B 74 -1.13 -14.48 -14.49
N SER B 75 -0.10 -14.17 -13.72
CA SER B 75 0.01 -12.88 -13.05
C SER B 75 1.36 -12.27 -13.37
N ALA B 76 1.56 -11.04 -12.90
CA ALA B 76 2.85 -10.35 -13.08
C ALA B 76 2.96 -9.28 -12.01
N SER B 77 3.84 -9.52 -11.03
CA SER B 77 4.06 -8.57 -9.96
C SER B 77 5.33 -7.76 -10.24
N GLN B 78 5.54 -6.71 -9.44
CA GLN B 78 6.75 -5.93 -9.52
C GLN B 78 7.95 -6.64 -8.89
N ASP B 79 7.72 -7.76 -8.20
CA ASP B 79 8.83 -8.55 -7.66
C ASP B 79 9.65 -9.20 -8.76
N GLY B 80 9.12 -9.32 -9.96
CA GLY B 80 9.82 -9.95 -11.06
C GLY B 80 9.46 -11.41 -11.24
N LYS B 81 8.19 -11.74 -11.05
CA LYS B 81 7.70 -13.11 -11.16
C LYS B 81 6.52 -13.15 -12.13
N LEU B 82 6.34 -14.31 -12.75
CA LEU B 82 5.26 -14.54 -13.71
C LEU B 82 4.57 -15.86 -13.37
N ILE B 83 4.17 -15.98 -12.10
CA ILE B 83 3.55 -17.20 -11.61
C ILE B 83 2.40 -17.61 -12.52
N ILE B 84 2.34 -18.90 -12.83
CA ILE B 84 1.25 -19.48 -13.61
C ILE B 84 0.45 -20.36 -12.65
N TRP B 85 -0.67 -19.85 -12.19
CA TRP B 85 -1.47 -20.57 -11.20
C TRP B 85 -2.29 -21.67 -11.87
N ASP B 86 -2.83 -22.56 -11.04
CA ASP B 86 -3.70 -23.64 -11.50
C ASP B 86 -4.96 -23.62 -10.65
N SER B 87 -6.09 -23.29 -11.26
CA SER B 87 -7.33 -23.22 -10.54
C SER B 87 -7.79 -24.62 -10.10
N TYR B 88 -8.86 -24.64 -9.30
CA TYR B 88 -9.51 -25.84 -8.78
C TYR B 88 -8.65 -26.50 -7.69
N THR B 89 -7.42 -26.03 -7.51
CA THR B 89 -6.53 -26.58 -6.50
C THR B 89 -5.78 -25.53 -5.69
N THR B 90 -5.60 -24.30 -6.21
CA THR B 90 -4.88 -23.17 -5.64
C THR B 90 -3.36 -23.40 -5.76
N ASN B 91 -2.90 -24.55 -6.19
CA ASN B 91 -1.47 -24.81 -6.30
C ASN B 91 -0.89 -24.12 -7.53
N LYS B 92 0.43 -23.99 -7.53
CA LYS B 92 1.17 -23.39 -8.63
C LYS B 92 1.81 -24.47 -9.49
N VAL B 93 2.09 -24.11 -10.74
CA VAL B 93 2.80 -25.00 -11.65
C VAL B 93 4.04 -24.37 -12.27
N HIS B 94 4.20 -23.05 -12.25
CA HIS B 94 5.38 -22.40 -12.80
C HIS B 94 5.64 -21.11 -12.03
N ALA B 95 6.92 -20.76 -11.90
CA ALA B 95 7.35 -19.58 -11.15
C ALA B 95 8.41 -18.83 -11.94
N ILE B 96 8.12 -18.55 -13.20
CA ILE B 96 9.11 -17.97 -14.11
C ILE B 96 9.63 -16.65 -13.55
N PRO B 97 10.93 -16.48 -13.36
CA PRO B 97 11.46 -15.17 -12.94
C PRO B 97 11.81 -14.31 -14.13
N LEU B 98 11.36 -13.05 -14.12
CA LEU B 98 11.61 -12.16 -15.24
C LEU B 98 13.03 -11.58 -15.15
N ARG B 99 13.44 -10.92 -16.23
CA ARG B 99 14.75 -10.28 -16.28
C ARG B 99 14.71 -8.92 -15.58
N SER B 100 13.85 -8.02 -16.05
CA SER B 100 13.66 -6.71 -15.44
C SER B 100 12.32 -6.71 -14.71
N SER B 101 12.33 -6.27 -13.47
CA SER B 101 11.12 -6.29 -12.63
C SER B 101 10.25 -5.06 -12.87
N TRP B 102 9.96 -4.79 -14.14
CA TRP B 102 9.04 -3.71 -14.54
C TRP B 102 8.15 -4.29 -15.63
N VAL B 103 7.03 -4.90 -15.22
CA VAL B 103 6.14 -5.61 -16.12
C VAL B 103 4.73 -5.05 -15.97
N MET B 104 4.04 -4.86 -17.10
CA MET B 104 2.69 -4.35 -17.10
C MET B 104 1.73 -5.14 -17.99
N THR B 105 2.18 -6.20 -18.66
CA THR B 105 1.34 -6.93 -19.59
C THR B 105 1.51 -8.43 -19.38
N CYS B 106 0.52 -9.19 -19.84
CA CYS B 106 0.54 -10.64 -19.81
C CYS B 106 -0.22 -11.17 -21.02
N ALA B 107 0.07 -12.41 -21.39
CA ALA B 107 -0.59 -13.04 -22.53
C ALA B 107 -0.44 -14.54 -22.44
N TYR B 108 -1.52 -15.26 -22.66
CA TYR B 108 -1.51 -16.72 -22.74
C TYR B 108 -1.82 -17.14 -24.17
N ALA B 109 -1.00 -18.03 -24.71
CA ALA B 109 -1.21 -18.48 -26.08
C ALA B 109 -2.52 -19.26 -26.16
N PRO B 110 -3.26 -19.14 -27.28
CA PRO B 110 -4.52 -19.86 -27.40
C PRO B 110 -4.36 -21.38 -27.38
N SER B 111 -3.19 -21.90 -27.73
CA SER B 111 -2.93 -23.33 -27.69
C SER B 111 -2.24 -23.76 -26.40
N GLY B 112 -2.01 -22.84 -25.47
CA GLY B 112 -1.39 -23.18 -24.20
C GLY B 112 0.06 -23.65 -24.32
N ASN B 113 0.84 -23.04 -25.21
CA ASN B 113 2.23 -23.41 -25.41
C ASN B 113 3.21 -22.35 -24.93
N TYR B 114 3.00 -21.09 -25.31
CA TYR B 114 3.94 -20.02 -25.00
C TYR B 114 3.28 -18.97 -24.11
N VAL B 115 4.10 -18.15 -23.49
CA VAL B 115 3.65 -17.02 -22.69
C VAL B 115 4.39 -15.77 -23.16
N ALA B 116 3.67 -14.66 -23.26
CA ALA B 116 4.24 -13.40 -23.73
C ALA B 116 4.25 -12.39 -22.59
N CYS B 117 5.38 -11.71 -22.43
CA CYS B 117 5.53 -10.70 -21.39
C CYS B 117 6.21 -9.47 -21.97
N GLY B 118 5.97 -8.33 -21.32
CA GLY B 118 6.56 -7.08 -21.76
C GLY B 118 6.15 -5.91 -20.90
N GLY B 119 7.11 -5.05 -20.55
CA GLY B 119 6.82 -3.95 -19.66
C GLY B 119 7.38 -2.62 -20.11
N LEU B 120 8.12 -1.96 -19.22
CA LEU B 120 8.64 -0.62 -19.46
C LEU B 120 10.03 -0.64 -20.10
N ASP B 121 10.66 -1.80 -20.22
CA ASP B 121 12.02 -1.90 -20.76
C ASP B 121 12.05 -1.93 -22.29
N ASN B 122 10.95 -1.57 -22.95
CA ASN B 122 10.87 -1.38 -24.40
C ASN B 122 11.09 -2.65 -25.21
N ILE B 123 11.09 -3.82 -24.58
CA ILE B 123 11.27 -5.09 -25.29
C ILE B 123 10.14 -6.03 -24.91
N CYS B 124 10.07 -7.15 -25.63
CA CYS B 124 9.07 -8.18 -25.39
C CYS B 124 9.76 -9.54 -25.31
N SER B 125 9.18 -10.45 -24.53
CA SER B 125 9.75 -11.77 -24.30
C SER B 125 8.68 -12.83 -24.52
N ILE B 126 9.10 -13.96 -25.08
CA ILE B 126 8.21 -15.10 -25.32
C ILE B 126 8.84 -16.31 -24.65
N TYR B 127 8.33 -16.68 -23.49
CA TYR B 127 8.79 -17.85 -22.77
C TYR B 127 8.08 -19.10 -23.28
N ASN B 128 8.83 -20.20 -23.37
CA ASN B 128 8.32 -21.47 -23.84
C ASN B 128 8.07 -22.40 -22.67
N LEU B 129 6.91 -23.05 -22.66
CA LEU B 129 6.54 -23.97 -21.59
C LEU B 129 6.75 -25.43 -21.96
N LYS B 130 6.28 -25.84 -23.14
CA LYS B 130 6.38 -27.23 -23.58
C LYS B 130 7.75 -27.45 -24.18
N THR B 131 8.68 -27.91 -23.36
CA THR B 131 10.04 -28.20 -23.79
C THR B 131 10.50 -29.54 -23.21
N ARG B 132 11.49 -30.14 -23.87
CA ARG B 132 12.03 -31.41 -23.39
C ARG B 132 12.74 -31.26 -22.06
N GLU B 133 13.36 -30.10 -21.81
CA GLU B 133 14.08 -29.89 -20.56
C GLU B 133 13.16 -29.80 -19.36
N GLY B 134 11.87 -29.58 -19.56
CA GLY B 134 10.95 -29.38 -18.45
C GLY B 134 11.20 -28.10 -17.69
N ASN B 135 11.58 -27.02 -18.38
CA ASN B 135 11.82 -25.73 -17.77
C ASN B 135 11.27 -24.65 -18.70
N VAL B 136 11.66 -23.41 -18.44
CA VAL B 136 11.25 -22.27 -19.27
C VAL B 136 12.50 -21.58 -19.80
N ARG B 137 12.49 -21.27 -21.09
CA ARG B 137 13.62 -20.62 -21.74
C ARG B 137 13.10 -19.56 -22.70
N VAL B 138 13.77 -18.41 -22.73
CA VAL B 138 13.36 -17.33 -23.61
C VAL B 138 13.72 -17.68 -25.04
N SER B 139 12.71 -17.78 -25.90
CA SER B 139 12.95 -18.13 -27.30
C SER B 139 13.10 -16.91 -28.19
N ARG B 140 12.44 -15.80 -27.87
CA ARG B 140 12.54 -14.57 -28.64
C ARG B 140 12.56 -13.38 -27.71
N GLU B 141 13.19 -12.30 -28.18
CA GLU B 141 13.35 -11.06 -27.42
C GLU B 141 12.99 -9.87 -28.30
N LEU B 142 11.82 -9.94 -28.93
CA LEU B 142 11.36 -8.94 -29.88
C LEU B 142 11.55 -7.53 -29.35
N ALA B 143 12.27 -6.71 -30.11
CA ALA B 143 12.55 -5.33 -29.74
C ALA B 143 12.50 -4.46 -30.98
N GLY B 144 12.36 -3.15 -30.76
CA GLY B 144 12.29 -2.21 -31.85
C GLY B 144 11.35 -1.05 -31.58
N HIS B 145 10.58 -1.15 -30.50
CA HIS B 145 9.70 -0.07 -30.11
C HIS B 145 10.50 1.03 -29.41
N THR B 146 9.84 2.17 -29.20
CA THR B 146 10.46 3.29 -28.52
C THR B 146 9.83 3.59 -27.15
N GLY B 147 8.52 3.47 -27.02
CA GLY B 147 7.85 3.66 -25.76
C GLY B 147 7.54 2.34 -25.06
N TYR B 148 7.09 2.46 -23.81
CA TYR B 148 6.76 1.29 -23.02
C TYR B 148 5.55 0.58 -23.61
N LEU B 149 5.59 -0.76 -23.60
CA LEU B 149 4.47 -1.54 -24.10
C LEU B 149 3.31 -1.49 -23.11
N SER B 150 2.11 -1.23 -23.63
CA SER B 150 0.92 -1.14 -22.78
C SER B 150 0.13 -2.42 -22.73
N CYS B 151 0.04 -3.16 -23.82
CA CYS B 151 -0.67 -4.44 -23.84
C CYS B 151 -0.17 -5.27 -25.00
N CYS B 152 -0.37 -6.58 -24.89
CA CYS B 152 0.07 -7.51 -25.93
C CYS B 152 -0.75 -8.79 -25.82
N ARG B 153 -1.54 -9.09 -26.84
CA ARG B 153 -2.41 -10.26 -26.85
C ARG B 153 -2.04 -11.16 -28.02
N PHE B 154 -2.02 -12.46 -27.78
CA PHE B 154 -1.69 -13.42 -28.83
C PHE B 154 -2.75 -13.43 -29.92
N LEU B 155 -2.30 -13.47 -31.17
CA LEU B 155 -3.19 -13.62 -32.32
C LEU B 155 -3.18 -15.03 -32.90
N ASP B 156 -2.09 -15.76 -32.74
CA ASP B 156 -1.95 -17.13 -33.21
C ASP B 156 -0.74 -17.73 -32.52
N ASP B 157 -0.34 -18.93 -32.94
CA ASP B 157 0.84 -19.57 -32.39
C ASP B 157 2.14 -19.01 -32.96
N ASN B 158 2.07 -18.22 -34.03
CA ASN B 158 3.27 -17.62 -34.62
C ASN B 158 3.04 -16.17 -35.01
N GLN B 159 2.04 -15.50 -34.44
CA GLN B 159 1.76 -14.11 -34.73
C GLN B 159 1.30 -13.41 -33.47
N ILE B 160 1.88 -12.24 -33.19
CA ILE B 160 1.56 -11.46 -32.01
C ILE B 160 1.36 -10.01 -32.41
N VAL B 161 0.63 -9.27 -31.58
CA VAL B 161 0.37 -7.85 -31.79
C VAL B 161 0.64 -7.12 -30.48
N THR B 162 1.29 -5.95 -30.59
CA THR B 162 1.65 -5.16 -29.43
C THR B 162 1.31 -3.69 -29.69
N SER B 163 1.15 -2.94 -28.61
CA SER B 163 0.92 -1.51 -28.66
C SER B 163 1.87 -0.82 -27.70
N SER B 164 2.56 0.22 -28.17
CA SER B 164 3.58 0.87 -27.35
C SER B 164 3.20 2.33 -27.10
N GLY B 165 3.99 2.98 -26.26
CA GLY B 165 3.76 4.35 -25.85
C GLY B 165 4.25 5.42 -26.79
N ASP B 166 4.81 5.05 -27.94
CA ASP B 166 5.26 6.00 -28.94
C ASP B 166 4.22 6.19 -30.05
N THR B 167 2.94 6.14 -29.68
CA THR B 167 1.83 6.35 -30.61
C THR B 167 1.86 5.35 -31.77
N THR B 168 2.12 4.08 -31.46
CA THR B 168 2.16 3.10 -32.53
C THR B 168 1.79 1.71 -32.00
N CYS B 169 1.39 0.87 -32.94
CA CYS B 169 1.14 -0.55 -32.71
C CYS B 169 1.92 -1.34 -33.75
N ALA B 170 2.24 -2.58 -33.41
CA ALA B 170 3.06 -3.40 -34.30
C ALA B 170 2.55 -4.84 -34.29
N LEU B 171 2.30 -5.37 -35.48
CA LEU B 171 2.03 -6.79 -35.67
C LEU B 171 3.37 -7.44 -35.99
N TRP B 172 3.88 -8.25 -35.07
CA TRP B 172 5.21 -8.82 -35.16
C TRP B 172 5.14 -10.19 -35.84
N ASP B 173 6.24 -10.93 -35.78
CA ASP B 173 6.30 -12.29 -36.33
C ASP B 173 7.37 -13.05 -35.56
N ILE B 174 6.94 -14.01 -34.74
CA ILE B 174 7.90 -14.82 -33.99
C ILE B 174 8.69 -15.70 -34.97
N GLU B 175 9.85 -16.16 -34.50
CA GLU B 175 10.81 -16.95 -35.27
C GLU B 175 11.41 -16.17 -36.45
N THR B 176 11.08 -14.87 -36.56
CA THR B 176 11.67 -14.04 -37.60
C THR B 176 12.25 -12.78 -36.99
N GLY B 177 11.65 -12.31 -35.90
CA GLY B 177 12.13 -11.10 -35.23
C GLY B 177 12.03 -9.86 -36.08
N GLN B 178 10.93 -9.70 -36.83
CA GLN B 178 10.73 -8.55 -37.70
C GLN B 178 9.34 -7.98 -37.49
N GLN B 179 9.25 -6.66 -37.49
CA GLN B 179 7.97 -5.97 -37.36
C GLN B 179 7.23 -6.08 -38.69
N THR B 180 6.33 -7.07 -38.78
CA THR B 180 5.65 -7.34 -40.03
C THR B 180 4.77 -6.17 -40.46
N THR B 181 4.01 -5.60 -39.53
CA THR B 181 3.11 -4.51 -39.86
C THR B 181 3.18 -3.43 -38.79
N THR B 182 3.02 -2.17 -39.19
CA THR B 182 3.05 -1.03 -38.29
C THR B 182 1.78 -0.22 -38.46
N PHE B 183 1.19 0.17 -37.32
CA PHE B 183 -0.01 1.00 -37.29
C PHE B 183 0.32 2.29 -36.55
N THR B 184 0.00 3.43 -37.17
CA THR B 184 0.32 4.73 -36.62
C THR B 184 -0.82 5.70 -36.88
N GLY B 185 -0.82 6.82 -36.17
CA GLY B 185 -1.84 7.83 -36.33
C GLY B 185 -2.27 8.48 -35.03
N HIS B 186 -2.08 7.79 -33.91
CA HIS B 186 -2.45 8.34 -32.62
C HIS B 186 -1.54 9.50 -32.25
N THR B 187 -2.06 10.40 -31.41
CA THR B 187 -1.33 11.59 -30.99
C THR B 187 -0.97 11.57 -29.50
N GLY B 188 -1.45 10.59 -28.75
CA GLY B 188 -1.12 10.49 -27.34
C GLY B 188 -0.23 9.30 -27.04
N ASP B 189 -0.82 8.22 -26.55
CA ASP B 189 -0.13 6.94 -26.42
C ASP B 189 -1.13 5.81 -26.20
N VAL B 190 -1.00 4.73 -26.98
CA VAL B 190 -1.96 3.64 -26.91
C VAL B 190 -1.83 2.93 -25.57
N MET B 191 -2.91 2.94 -24.79
CA MET B 191 -2.88 2.37 -23.46
C MET B 191 -3.46 0.97 -23.37
N SER B 192 -4.34 0.59 -24.30
CA SER B 192 -4.88 -0.76 -24.32
C SER B 192 -5.46 -1.05 -25.69
N LEU B 193 -5.59 -2.33 -26.00
CA LEU B 193 -6.22 -2.77 -27.23
C LEU B 193 -6.87 -4.13 -26.98
N SER B 194 -7.83 -4.47 -27.84
CA SER B 194 -8.54 -5.73 -27.73
C SER B 194 -8.71 -6.34 -29.12
N LEU B 195 -8.79 -7.66 -29.15
CA LEU B 195 -8.93 -8.40 -30.40
C LEU B 195 -10.42 -8.64 -30.69
N ALA B 196 -10.69 -9.49 -31.66
CA ALA B 196 -12.04 -9.86 -32.08
C ALA B 196 -12.25 -11.35 -31.88
N PRO B 197 -13.51 -11.80 -31.75
CA PRO B 197 -13.75 -13.24 -31.61
C PRO B 197 -13.19 -14.06 -32.75
N ASP B 198 -13.23 -13.55 -33.98
CA ASP B 198 -12.61 -14.19 -35.13
C ASP B 198 -11.33 -13.50 -35.56
N THR B 199 -10.73 -12.70 -34.66
CA THR B 199 -9.56 -11.87 -34.96
C THR B 199 -9.82 -11.00 -36.19
N ARG B 200 -8.79 -10.82 -37.02
CA ARG B 200 -8.91 -10.18 -38.33
C ARG B 200 -9.14 -8.67 -38.19
N LEU B 201 -9.38 -8.20 -36.97
CA LEU B 201 -9.59 -6.79 -36.68
C LEU B 201 -9.22 -6.55 -35.23
N PHE B 202 -8.89 -5.30 -34.90
CA PHE B 202 -8.63 -5.00 -33.50
C PHE B 202 -8.81 -3.50 -33.24
N VAL B 203 -9.40 -3.17 -32.10
CA VAL B 203 -9.61 -1.79 -31.71
C VAL B 203 -8.57 -1.41 -30.68
N SER B 204 -8.30 -0.10 -30.57
CA SER B 204 -7.31 0.40 -29.64
C SER B 204 -7.72 1.78 -29.15
N GLY B 205 -7.21 2.15 -27.98
CA GLY B 205 -7.49 3.45 -27.39
C GLY B 205 -6.25 4.10 -26.83
N ALA B 206 -6.15 5.41 -26.97
CA ALA B 206 -5.00 6.18 -26.50
C ALA B 206 -5.46 7.22 -25.48
N CYS B 207 -4.53 8.08 -25.07
CA CYS B 207 -4.80 9.13 -24.11
C CYS B 207 -5.23 10.44 -24.77
N ASP B 208 -5.38 10.45 -26.09
CA ASP B 208 -5.85 11.64 -26.81
C ASP B 208 -7.37 11.69 -26.91
N ALA B 209 -8.08 10.99 -26.03
CA ALA B 209 -9.55 10.93 -26.03
C ALA B 209 -10.06 10.44 -27.38
N SER B 210 -9.65 9.22 -27.74
CA SER B 210 -10.04 8.64 -29.02
C SER B 210 -10.01 7.12 -28.91
N ALA B 211 -10.63 6.47 -29.89
CA ALA B 211 -10.65 5.01 -29.98
C ALA B 211 -10.80 4.64 -31.45
N LYS B 212 -9.82 3.91 -31.99
CA LYS B 212 -9.76 3.65 -33.42
C LYS B 212 -9.67 2.15 -33.69
N LEU B 213 -10.27 1.73 -34.79
CA LEU B 213 -10.26 0.34 -35.24
C LEU B 213 -9.24 0.17 -36.34
N TRP B 214 -8.59 -1.00 -36.37
CA TRP B 214 -7.51 -1.27 -37.31
C TRP B 214 -7.69 -2.67 -37.91
N ASP B 215 -7.49 -2.76 -39.22
CA ASP B 215 -7.41 -4.04 -39.91
C ASP B 215 -6.00 -4.59 -39.81
N VAL B 216 -5.86 -5.91 -39.99
CA VAL B 216 -4.61 -6.59 -39.74
C VAL B 216 -3.89 -7.01 -41.02
N ARG B 217 -4.39 -6.59 -42.19
CA ARG B 217 -3.71 -6.89 -43.45
C ARG B 217 -3.21 -5.63 -44.14
N GLU B 218 -4.09 -4.69 -44.45
CA GLU B 218 -3.67 -3.48 -45.15
C GLU B 218 -2.98 -2.49 -44.22
N GLY B 219 -3.41 -2.42 -42.96
CA GLY B 219 -2.67 -1.65 -41.98
C GLY B 219 -2.98 -0.18 -41.90
N MET B 220 -4.25 0.20 -41.91
CA MET B 220 -4.65 1.60 -41.79
C MET B 220 -5.98 1.67 -41.05
N CYS B 221 -6.16 2.77 -40.31
CA CYS B 221 -7.36 2.93 -39.49
C CYS B 221 -8.60 2.98 -40.36
N ARG B 222 -9.65 2.29 -39.92
CA ARG B 222 -10.90 2.29 -40.68
C ARG B 222 -11.76 3.50 -40.30
N GLN B 223 -12.11 3.61 -39.02
CA GLN B 223 -12.94 4.70 -38.52
C GLN B 223 -12.34 5.20 -37.21
N THR B 224 -12.95 6.25 -36.67
CA THR B 224 -12.57 6.80 -35.38
C THR B 224 -13.81 7.09 -34.55
N PHE B 225 -13.72 6.86 -33.25
CA PHE B 225 -14.85 7.02 -32.32
C PHE B 225 -14.41 7.98 -31.21
N THR B 226 -14.78 9.25 -31.33
CA THR B 226 -14.49 10.24 -30.31
C THR B 226 -15.67 10.33 -29.34
N GLY B 227 -15.64 11.33 -28.46
CA GLY B 227 -16.72 11.53 -27.51
C GLY B 227 -16.24 11.67 -26.08
N HIS B 228 -15.17 10.98 -25.73
CA HIS B 228 -14.64 11.04 -24.37
C HIS B 228 -13.93 12.37 -24.13
N GLU B 229 -13.83 12.73 -22.85
CA GLU B 229 -13.15 13.94 -22.42
C GLU B 229 -11.94 13.66 -21.55
N SER B 230 -11.48 12.42 -21.49
CA SER B 230 -10.37 12.05 -20.63
C SER B 230 -9.61 10.91 -21.30
N ASP B 231 -8.75 10.24 -20.54
CA ASP B 231 -7.90 9.18 -21.06
C ASP B 231 -8.68 7.88 -21.15
N ILE B 232 -8.25 6.99 -22.04
CA ILE B 232 -8.82 5.65 -22.19
C ILE B 232 -7.74 4.65 -21.79
N ASN B 233 -7.84 4.10 -20.59
CA ASN B 233 -6.89 3.13 -20.10
C ASN B 233 -7.48 1.72 -19.97
N ALA B 234 -8.64 1.47 -20.56
CA ALA B 234 -9.26 0.16 -20.53
C ALA B 234 -10.23 0.03 -21.69
N ILE B 235 -10.30 -1.16 -22.27
CA ILE B 235 -11.17 -1.43 -23.41
C ILE B 235 -11.51 -2.91 -23.44
N CYS B 236 -12.67 -3.23 -23.99
CA CYS B 236 -13.11 -4.61 -24.12
C CYS B 236 -14.03 -4.74 -25.32
N PHE B 237 -14.08 -5.95 -25.88
CA PHE B 237 -14.79 -6.22 -27.12
C PHE B 237 -16.00 -7.10 -26.82
N PHE B 238 -17.14 -6.77 -27.44
CA PHE B 238 -18.34 -7.55 -27.26
C PHE B 238 -18.19 -8.92 -27.92
N PRO B 239 -18.77 -9.97 -27.33
CA PRO B 239 -18.67 -11.31 -27.95
C PRO B 239 -19.27 -11.40 -29.33
N ASN B 240 -20.32 -10.62 -29.62
CA ASN B 240 -20.92 -10.65 -30.95
C ASN B 240 -19.94 -10.17 -32.01
N GLY B 241 -19.14 -9.16 -31.68
CA GLY B 241 -18.20 -8.59 -32.62
C GLY B 241 -18.67 -7.35 -33.35
N ASN B 242 -19.79 -6.76 -32.94
CA ASN B 242 -20.30 -5.54 -33.55
C ASN B 242 -20.34 -4.36 -32.60
N ALA B 243 -19.85 -4.51 -31.38
CA ALA B 243 -19.85 -3.43 -30.40
C ALA B 243 -18.65 -3.62 -29.48
N PHE B 244 -18.34 -2.58 -28.71
CA PHE B 244 -17.26 -2.69 -27.74
C PHE B 244 -17.44 -1.63 -26.66
N ALA B 245 -16.92 -1.94 -25.47
CA ALA B 245 -16.97 -1.02 -24.35
C ALA B 245 -15.68 -0.22 -24.26
N THR B 246 -15.69 0.79 -23.40
CA THR B 246 -14.54 1.67 -23.25
C THR B 246 -14.57 2.30 -21.85
N GLY B 247 -13.49 2.14 -21.10
CA GLY B 247 -13.34 2.79 -19.82
C GLY B 247 -12.70 4.17 -19.94
N SER B 248 -12.50 4.79 -18.79
CA SER B 248 -11.88 6.11 -18.72
C SER B 248 -11.52 6.40 -17.28
N ASP B 249 -10.82 7.52 -17.08
CA ASP B 249 -10.38 7.93 -15.75
C ASP B 249 -11.39 8.81 -15.02
N ASP B 250 -12.49 9.19 -15.69
CA ASP B 250 -13.53 10.00 -15.08
C ASP B 250 -14.82 9.22 -14.85
N ALA B 251 -14.73 7.90 -14.76
CA ALA B 251 -15.85 7.04 -14.35
C ALA B 251 -17.06 7.19 -15.27
N THR B 252 -16.81 7.22 -16.58
CA THR B 252 -17.90 7.23 -17.57
C THR B 252 -17.63 6.13 -18.60
N CYS B 253 -18.14 4.94 -18.32
CA CYS B 253 -18.00 3.84 -19.27
C CYS B 253 -18.88 4.09 -20.50
N ARG B 254 -18.34 3.77 -21.66
CA ARG B 254 -19.02 4.01 -22.93
C ARG B 254 -19.19 2.70 -23.68
N LEU B 255 -20.24 2.63 -24.49
CA LEU B 255 -20.49 1.49 -25.36
C LEU B 255 -20.69 2.03 -26.77
N PHE B 256 -19.89 1.53 -27.72
CA PHE B 256 -19.92 2.02 -29.08
C PHE B 256 -20.43 0.93 -30.03
N ASP B 257 -20.46 1.26 -31.31
CA ASP B 257 -20.95 0.34 -32.34
C ASP B 257 -20.02 0.41 -33.55
N LEU B 258 -19.63 -0.76 -34.05
CA LEU B 258 -18.76 -0.81 -35.23
C LEU B 258 -19.52 -0.46 -36.50
N ARG B 259 -20.76 -0.94 -36.62
CA ARG B 259 -21.54 -0.70 -37.84
C ARG B 259 -21.80 0.79 -38.04
N ALA B 260 -22.16 1.50 -36.98
CA ALA B 260 -22.40 2.94 -37.03
C ALA B 260 -21.73 3.59 -35.85
N ASP B 261 -20.98 4.67 -36.10
CA ASP B 261 -20.30 5.39 -35.04
C ASP B 261 -21.31 6.18 -34.21
N GLN B 262 -21.82 5.58 -33.14
CA GLN B 262 -22.87 6.18 -32.34
C GLN B 262 -22.55 6.05 -30.86
N GLU B 263 -23.13 6.95 -30.08
CA GLU B 263 -23.09 6.88 -28.62
C GLU B 263 -24.38 6.23 -28.14
N LEU B 264 -24.25 5.09 -27.45
CA LEU B 264 -25.40 4.32 -27.02
C LEU B 264 -25.61 4.37 -25.51
N MET B 265 -24.61 3.98 -24.73
CA MET B 265 -24.68 3.96 -23.28
C MET B 265 -23.66 4.94 -22.69
N THR B 266 -23.99 5.46 -21.52
CA THR B 266 -23.18 6.45 -20.82
C THR B 266 -23.05 6.06 -19.35
N TYR B 267 -22.62 4.81 -19.11
CA TYR B 267 -22.57 4.25 -17.77
C TYR B 267 -21.85 5.20 -16.81
N SER B 268 -22.58 5.70 -15.82
CA SER B 268 -22.04 6.65 -14.87
C SER B 268 -22.95 6.70 -13.65
N HIS B 269 -22.46 7.36 -12.61
CA HIS B 269 -23.22 7.54 -11.38
C HIS B 269 -22.82 8.88 -10.77
N ASP B 270 -23.22 9.11 -9.51
CA ASP B 270 -22.91 10.36 -8.83
C ASP B 270 -22.00 10.18 -7.62
N ASN B 271 -21.87 8.97 -7.09
CA ASN B 271 -21.04 8.70 -5.93
C ASN B 271 -19.65 8.21 -6.31
N ILE B 272 -19.31 8.21 -7.59
CA ILE B 272 -18.02 7.72 -8.07
C ILE B 272 -17.26 8.87 -8.72
N ILE B 273 -16.02 9.07 -8.29
CA ILE B 273 -15.17 10.13 -8.85
C ILE B 273 -13.84 9.53 -9.26
N CYS B 274 -13.75 8.19 -9.25
CA CYS B 274 -12.52 7.50 -9.57
C CYS B 274 -12.49 7.18 -11.06
N GLY B 275 -11.57 6.32 -11.48
CA GLY B 275 -11.38 5.99 -12.87
C GLY B 275 -11.43 4.49 -13.13
N ILE B 276 -11.93 4.13 -14.31
CA ILE B 276 -11.98 2.73 -14.71
C ILE B 276 -10.56 2.18 -14.84
N THR B 277 -10.41 0.89 -14.55
CA THR B 277 -9.11 0.25 -14.70
C THR B 277 -9.20 -0.97 -15.62
N SER B 278 -10.33 -1.67 -15.58
CA SER B 278 -10.53 -2.84 -16.41
C SER B 278 -12.01 -3.03 -16.70
N VAL B 279 -12.30 -3.61 -17.86
CA VAL B 279 -13.67 -3.86 -18.30
C VAL B 279 -13.71 -5.23 -18.96
N SER B 280 -14.75 -6.02 -18.65
CA SER B 280 -14.92 -7.33 -19.26
C SER B 280 -16.40 -7.62 -19.43
N PHE B 281 -16.71 -8.41 -20.45
CA PHE B 281 -18.08 -8.78 -20.78
C PHE B 281 -18.37 -10.22 -20.33
N SER B 282 -19.54 -10.71 -20.70
CA SER B 282 -19.94 -12.10 -20.51
C SER B 282 -20.46 -12.63 -21.85
N LYS B 283 -20.80 -13.91 -21.89
CA LYS B 283 -21.25 -14.52 -23.15
C LYS B 283 -22.50 -13.82 -23.68
N SER B 284 -23.48 -13.56 -22.81
CA SER B 284 -24.67 -12.83 -23.21
C SER B 284 -24.41 -11.35 -23.41
N GLY B 285 -23.27 -10.83 -22.95
CA GLY B 285 -23.00 -9.41 -23.03
C GLY B 285 -23.95 -8.57 -22.21
N ARG B 286 -24.35 -9.05 -21.04
CA ARG B 286 -25.31 -8.36 -20.17
C ARG B 286 -24.66 -7.82 -18.91
N LEU B 287 -23.88 -8.64 -18.21
CA LEU B 287 -23.20 -8.20 -17.00
C LEU B 287 -21.85 -7.60 -17.37
N LEU B 288 -21.78 -6.27 -17.41
CA LEU B 288 -20.54 -5.56 -17.75
C LEU B 288 -19.79 -5.28 -16.46
N LEU B 289 -18.76 -6.10 -16.19
CA LEU B 289 -17.93 -5.87 -15.03
C LEU B 289 -17.01 -4.67 -15.26
N ALA B 290 -16.52 -4.10 -14.17
CA ALA B 290 -15.64 -2.95 -14.25
C ALA B 290 -14.83 -2.84 -12.98
N GLY B 291 -13.66 -2.21 -13.10
CA GLY B 291 -12.81 -1.95 -11.95
C GLY B 291 -12.78 -0.47 -11.59
N TYR B 292 -12.34 -0.15 -10.38
CA TYR B 292 -12.37 1.24 -9.93
C TYR B 292 -11.21 1.49 -8.97
N ASP B 293 -10.85 2.77 -8.84
CA ASP B 293 -9.81 3.20 -7.92
C ASP B 293 -10.30 3.29 -6.48
N ASP B 294 -11.62 3.25 -6.24
CA ASP B 294 -12.17 3.35 -4.90
C ASP B 294 -12.29 2.00 -4.22
N PHE B 295 -11.40 1.06 -4.56
CA PHE B 295 -11.13 -0.15 -3.79
C PHE B 295 -12.22 -1.21 -3.93
N ASN B 296 -13.00 -1.17 -5.00
CA ASN B 296 -13.97 -2.22 -5.25
C ASN B 296 -14.33 -2.26 -6.73
N CYS B 297 -14.93 -3.37 -7.15
CA CYS B 297 -15.37 -3.58 -8.51
C CYS B 297 -16.89 -3.60 -8.55
N ASN B 298 -17.46 -2.76 -9.41
CA ASN B 298 -18.91 -2.61 -9.53
C ASN B 298 -19.37 -3.22 -10.85
N VAL B 299 -20.12 -4.32 -10.76
CA VAL B 299 -20.70 -4.96 -11.93
C VAL B 299 -21.99 -4.23 -12.30
N TRP B 300 -22.12 -3.87 -13.57
CA TRP B 300 -23.27 -3.10 -14.06
C TRP B 300 -23.96 -3.83 -15.20
N ASP B 301 -25.28 -3.81 -15.17
CA ASP B 301 -26.06 -4.32 -16.30
C ASP B 301 -25.86 -3.44 -17.52
N ALA B 302 -25.76 -4.08 -18.68
CA ALA B 302 -25.49 -3.35 -19.92
C ALA B 302 -26.73 -2.73 -20.53
N LEU B 303 -27.87 -3.44 -20.48
CA LEU B 303 -29.07 -2.96 -21.16
C LEU B 303 -29.68 -1.77 -20.42
N LYS B 304 -29.82 -1.86 -19.10
CA LYS B 304 -30.43 -0.80 -18.31
C LYS B 304 -29.44 0.28 -17.87
N ALA B 305 -28.14 0.01 -17.95
CA ALA B 305 -27.09 0.96 -17.56
C ALA B 305 -27.29 1.44 -16.12
N ASP B 306 -27.26 0.48 -15.20
CA ASP B 306 -27.43 0.78 -13.79
C ASP B 306 -26.65 -0.24 -12.97
N ARG B 307 -26.30 0.14 -11.75
CA ARG B 307 -25.55 -0.75 -10.87
C ARG B 307 -26.42 -1.92 -10.42
N ALA B 308 -25.81 -3.10 -10.35
CA ALA B 308 -26.53 -4.30 -9.94
C ALA B 308 -25.72 -5.17 -8.99
N GLY B 309 -24.69 -4.62 -8.35
CA GLY B 309 -23.86 -5.40 -7.45
C GLY B 309 -22.49 -4.80 -7.20
N VAL B 310 -21.92 -5.09 -6.04
CA VAL B 310 -20.60 -4.57 -5.66
C VAL B 310 -19.76 -5.73 -5.16
N LEU B 311 -18.50 -5.78 -5.59
CA LEU B 311 -17.57 -6.84 -5.25
C LEU B 311 -16.48 -6.35 -4.30
N ALA B 312 -16.85 -5.54 -3.32
CA ALA B 312 -15.88 -4.94 -2.40
C ALA B 312 -15.28 -6.03 -1.52
N GLY B 313 -14.05 -6.43 -1.84
CA GLY B 313 -13.33 -7.39 -1.02
C GLY B 313 -11.84 -7.14 -0.99
N HIS B 314 -11.40 -6.03 -1.58
CA HIS B 314 -9.99 -5.71 -1.71
C HIS B 314 -9.62 -4.54 -0.81
N ASP B 315 -8.32 -4.29 -0.71
CA ASP B 315 -7.77 -3.21 0.11
C ASP B 315 -7.26 -2.04 -0.71
N ASN B 316 -6.55 -2.30 -1.80
CA ASN B 316 -5.96 -1.27 -2.64
C ASN B 316 -6.65 -1.27 -4.01
N ARG B 317 -6.18 -0.39 -4.88
CA ARG B 317 -6.78 -0.25 -6.21
C ARG B 317 -6.71 -1.56 -6.98
N VAL B 318 -7.82 -1.94 -7.59
CA VAL B 318 -7.83 -3.10 -8.47
C VAL B 318 -7.18 -2.72 -9.79
N SER B 319 -6.36 -3.63 -10.31
CA SER B 319 -5.60 -3.35 -11.52
C SER B 319 -5.88 -4.32 -12.66
N CYS B 320 -6.28 -5.55 -12.37
CA CYS B 320 -6.58 -6.50 -13.43
C CYS B 320 -7.88 -7.21 -13.13
N LEU B 321 -8.65 -7.52 -14.17
CA LEU B 321 -9.93 -8.19 -14.03
C LEU B 321 -10.18 -9.02 -15.27
N GLY B 322 -10.74 -10.21 -15.07
CA GLY B 322 -10.94 -11.11 -16.19
C GLY B 322 -12.05 -12.13 -16.04
N VAL B 323 -12.77 -12.37 -17.13
CA VAL B 323 -13.81 -13.39 -17.19
C VAL B 323 -13.28 -14.58 -17.96
N THR B 324 -13.45 -15.78 -17.42
CA THR B 324 -12.96 -16.98 -18.07
C THR B 324 -13.76 -17.27 -19.33
N ASP B 325 -13.22 -18.17 -20.16
CA ASP B 325 -13.75 -18.42 -21.50
C ASP B 325 -15.19 -18.93 -21.48
N ASP B 326 -15.41 -20.13 -20.94
CA ASP B 326 -16.76 -20.67 -20.90
C ASP B 326 -17.63 -19.91 -19.90
N GLY B 327 -17.05 -19.55 -18.75
CA GLY B 327 -17.72 -18.71 -17.78
C GLY B 327 -18.28 -19.48 -16.60
N MET B 328 -17.53 -19.52 -15.51
CA MET B 328 -18.01 -20.03 -14.24
C MET B 328 -17.52 -19.21 -13.05
N ALA B 329 -16.73 -18.17 -13.29
CA ALA B 329 -16.09 -17.36 -12.24
C ALA B 329 -15.35 -16.22 -12.91
N VAL B 330 -15.02 -15.20 -12.11
CA VAL B 330 -14.23 -14.07 -12.57
C VAL B 330 -13.06 -13.91 -11.62
N ALA B 331 -11.99 -13.29 -12.14
CA ALA B 331 -10.75 -13.12 -11.38
C ALA B 331 -10.44 -11.63 -11.25
N THR B 332 -10.10 -11.20 -10.04
CA THR B 332 -9.75 -9.82 -9.76
C THR B 332 -8.40 -9.77 -9.07
N GLY B 333 -7.57 -8.80 -9.48
CA GLY B 333 -6.27 -8.61 -8.89
C GLY B 333 -5.96 -7.15 -8.63
N SER B 334 -5.66 -6.81 -7.39
CA SER B 334 -5.39 -5.46 -6.95
C SER B 334 -3.92 -5.31 -6.58
N TRP B 335 -3.57 -4.15 -6.05
CA TRP B 335 -2.19 -3.85 -5.68
C TRP B 335 -1.80 -4.42 -4.32
N ASP B 336 -2.72 -5.07 -3.61
CA ASP B 336 -2.44 -5.66 -2.31
C ASP B 336 -1.89 -7.08 -2.41
N SER B 337 -1.39 -7.47 -3.60
CA SER B 337 -0.75 -8.77 -3.81
C SER B 337 -1.70 -9.94 -3.56
N PHE B 338 -2.97 -9.77 -3.92
CA PHE B 338 -3.96 -10.83 -3.73
C PHE B 338 -4.81 -10.98 -4.98
N LEU B 339 -4.95 -12.22 -5.45
CA LEU B 339 -5.86 -12.56 -6.52
C LEU B 339 -7.09 -13.26 -5.93
N LYS B 340 -8.27 -12.83 -6.36
CA LYS B 340 -9.51 -13.36 -5.81
C LYS B 340 -10.39 -13.87 -6.95
N ILE B 341 -11.10 -14.97 -6.66
CA ILE B 341 -11.96 -15.64 -7.63
C ILE B 341 -13.39 -15.49 -7.14
N TRP B 342 -14.14 -14.58 -7.77
CA TRP B 342 -15.54 -14.41 -7.46
C TRP B 342 -16.40 -15.33 -8.32
N ASN B 343 -17.57 -15.68 -7.80
CA ASN B 343 -18.49 -16.55 -8.52
C ASN B 343 -19.93 -16.17 -8.19
N THR C 6 8.61 19.87 -46.16
CA THR C 6 7.50 20.29 -45.32
C THR C 6 6.69 19.08 -44.86
N ALA C 7 6.78 18.76 -43.57
CA ALA C 7 6.01 17.64 -43.02
C ALA C 7 4.55 17.98 -42.82
N SER C 8 4.24 19.27 -42.59
CA SER C 8 2.86 19.66 -42.31
C SER C 8 1.94 19.40 -43.49
N ILE C 9 2.42 19.68 -44.71
CA ILE C 9 1.58 19.49 -45.89
C ILE C 9 1.30 18.00 -46.11
N ALA C 10 2.31 17.14 -45.91
CA ALA C 10 2.09 15.70 -46.03
C ALA C 10 1.14 15.20 -44.95
N GLN C 11 1.30 15.69 -43.72
CA GLN C 11 0.39 15.33 -42.64
C GLN C 11 -1.05 15.68 -43.01
N ALA C 12 -1.27 16.91 -43.46
CA ALA C 12 -2.61 17.35 -43.81
C ALA C 12 -3.18 16.55 -44.97
N ARG C 13 -2.36 16.28 -45.99
CA ARG C 13 -2.87 15.57 -47.15
C ARG C 13 -3.22 14.12 -46.81
N LYS C 14 -2.43 13.45 -45.99
CA LYS C 14 -2.80 12.08 -45.63
C LYS C 14 -3.96 12.05 -44.65
N LEU C 15 -4.09 13.09 -43.81
CA LEU C 15 -5.26 13.17 -42.94
C LEU C 15 -6.53 13.35 -43.75
N VAL C 16 -6.51 14.22 -44.77
CA VAL C 16 -7.70 14.41 -45.57
C VAL C 16 -7.98 13.19 -46.44
N GLU C 17 -6.93 12.49 -46.90
CA GLU C 17 -7.15 11.24 -47.61
C GLU C 17 -7.84 10.21 -46.72
N GLN C 18 -7.38 10.10 -45.46
CA GLN C 18 -8.05 9.22 -44.51
C GLN C 18 -9.49 9.62 -44.31
N LEU C 19 -9.76 10.92 -44.16
CA LEU C 19 -11.13 11.39 -43.96
C LEU C 19 -12.02 11.05 -45.15
N LYS C 20 -11.54 11.30 -46.37
CA LYS C 20 -12.37 11.06 -47.54
C LYS C 20 -12.56 9.56 -47.80
N MET C 21 -11.56 8.74 -47.51
CA MET C 21 -11.73 7.31 -47.70
C MET C 21 -12.63 6.71 -46.62
N GLU C 22 -12.62 7.29 -45.41
CA GLU C 22 -13.52 6.85 -44.38
C GLU C 22 -14.96 7.30 -44.65
N ALA C 23 -15.12 8.44 -45.33
CA ALA C 23 -16.46 8.96 -45.60
C ALA C 23 -17.27 8.04 -46.51
N ASN C 24 -16.63 7.09 -47.20
CA ASN C 24 -17.31 6.18 -48.10
C ASN C 24 -17.90 4.97 -47.38
N ILE C 25 -17.71 4.85 -46.07
CA ILE C 25 -18.25 3.71 -45.34
C ILE C 25 -19.76 3.85 -45.21
N ASP C 26 -20.46 2.72 -45.15
CA ASP C 26 -21.90 2.72 -45.01
C ASP C 26 -22.29 2.94 -43.55
N ARG C 27 -23.55 3.37 -43.36
CA ARG C 27 -24.10 3.62 -42.04
C ARG C 27 -25.33 2.75 -41.83
N ILE C 28 -25.61 2.44 -40.56
CA ILE C 28 -26.70 1.55 -40.20
C ILE C 28 -27.60 2.25 -39.19
N LYS C 29 -28.84 1.77 -39.12
CA LYS C 29 -29.79 2.30 -38.16
C LYS C 29 -29.46 1.79 -36.76
N VAL C 30 -29.37 2.71 -35.79
CA VAL C 30 -29.02 2.31 -34.43
C VAL C 30 -30.14 1.50 -33.79
N SER C 31 -31.40 1.76 -34.20
CA SER C 31 -32.52 1.05 -33.60
C SER C 31 -32.45 -0.44 -33.90
N LYS C 32 -32.27 -0.80 -35.19
CA LYS C 32 -32.22 -2.21 -35.52
C LYS C 32 -30.92 -2.86 -35.07
N ALA C 33 -29.82 -2.10 -35.00
CA ALA C 33 -28.59 -2.63 -34.42
C ALA C 33 -28.80 -3.00 -32.96
N ALA C 34 -29.44 -2.13 -32.20
CA ALA C 34 -29.78 -2.44 -30.81
C ALA C 34 -30.76 -3.61 -30.75
N ALA C 35 -31.65 -3.73 -31.74
CA ALA C 35 -32.58 -4.86 -31.78
C ALA C 35 -31.84 -6.18 -31.91
N ASP C 36 -30.90 -6.26 -32.85
CA ASP C 36 -30.09 -7.48 -32.96
C ASP C 36 -29.26 -7.69 -31.70
N LEU C 37 -28.76 -6.60 -31.09
CA LEU C 37 -27.98 -6.73 -29.87
C LEU C 37 -28.80 -7.41 -28.77
N MET C 38 -30.01 -6.89 -28.51
CA MET C 38 -30.81 -7.46 -27.43
C MET C 38 -31.33 -8.84 -27.79
N ALA C 39 -31.57 -9.10 -29.09
CA ALA C 39 -31.96 -10.44 -29.51
C ALA C 39 -30.86 -11.45 -29.21
N TYR C 40 -29.61 -11.10 -29.53
CA TYR C 40 -28.50 -11.99 -29.21
C TYR C 40 -28.34 -12.15 -27.70
N CYS C 41 -28.51 -11.06 -26.95
CA CYS C 41 -28.39 -11.13 -25.50
C CYS C 41 -29.43 -12.08 -24.91
N GLU C 42 -30.65 -12.02 -25.42
CA GLU C 42 -31.71 -12.91 -24.94
C GLU C 42 -31.47 -14.35 -25.38
N ALA C 43 -31.02 -14.54 -26.62
CA ALA C 43 -30.85 -15.88 -27.17
C ALA C 43 -29.73 -16.63 -26.46
N HIS C 44 -28.57 -16.01 -26.31
CA HIS C 44 -27.41 -16.67 -25.71
C HIS C 44 -27.33 -16.37 -24.22
N ALA C 45 -28.40 -16.72 -23.51
CA ALA C 45 -28.46 -16.50 -22.08
C ALA C 45 -29.08 -17.67 -21.31
N LYS C 46 -29.34 -18.81 -21.97
CA LYS C 46 -30.02 -19.91 -21.29
C LYS C 46 -29.18 -20.49 -20.17
N GLU C 47 -27.92 -20.84 -20.46
CA GLU C 47 -27.08 -21.44 -19.41
C GLU C 47 -26.46 -20.37 -18.52
N ASP C 48 -25.63 -19.48 -19.11
CA ASP C 48 -25.04 -18.30 -18.50
C ASP C 48 -24.72 -18.50 -17.01
N PRO C 49 -23.77 -19.38 -16.67
CA PRO C 49 -23.57 -19.73 -15.26
C PRO C 49 -23.16 -18.57 -14.36
N LEU C 50 -22.94 -17.38 -14.93
CA LEU C 50 -22.58 -16.22 -14.13
C LEU C 50 -23.81 -15.58 -13.50
N LEU C 51 -24.81 -15.23 -14.31
CA LEU C 51 -26.01 -14.59 -13.79
C LEU C 51 -27.08 -15.60 -13.37
N THR C 52 -27.22 -16.70 -14.08
CA THR C 52 -28.13 -17.76 -13.66
C THR C 52 -27.52 -18.52 -12.49
N PRO C 53 -28.24 -18.72 -11.39
CA PRO C 53 -27.68 -19.47 -10.27
C PRO C 53 -27.29 -20.89 -10.67
N VAL C 54 -26.16 -21.34 -10.14
CA VAL C 54 -25.61 -22.65 -10.48
C VAL C 54 -25.83 -23.61 -9.32
N PRO C 55 -26.16 -24.87 -9.58
CA PRO C 55 -26.26 -25.84 -8.49
C PRO C 55 -24.91 -26.10 -7.84
N ALA C 56 -24.95 -26.51 -6.57
CA ALA C 56 -23.71 -26.76 -5.82
C ALA C 56 -22.91 -27.90 -6.45
N SER C 57 -23.60 -28.95 -6.91
CA SER C 57 -22.91 -30.08 -7.52
C SER C 57 -22.21 -29.71 -8.81
N GLU C 58 -22.64 -28.62 -9.47
CA GLU C 58 -22.02 -28.15 -10.70
C GLU C 58 -21.20 -26.89 -10.47
N ASN C 59 -20.62 -26.76 -9.27
CA ASN C 59 -19.81 -25.59 -8.91
C ASN C 59 -18.39 -26.05 -8.63
N PRO C 60 -17.48 -25.99 -9.60
CA PRO C 60 -16.10 -26.42 -9.35
C PRO C 60 -15.39 -25.62 -8.25
N PHE C 61 -15.72 -24.33 -8.12
CA PHE C 61 -15.09 -23.48 -7.11
C PHE C 61 -15.85 -23.58 -5.78
N ARG C 62 -16.01 -24.81 -5.31
CA ARG C 62 -16.68 -25.08 -4.04
C ARG C 62 -15.90 -26.17 -3.31
N GLU C 63 -15.59 -25.91 -2.03
CA GLU C 63 -14.86 -26.87 -1.22
C GLU C 63 -15.70 -28.11 -0.94
N ASN D 189 -13.71 -21.16 59.36
CA ASN D 189 -14.41 -20.48 58.28
C ASN D 189 -14.65 -19.03 58.65
N TYR D 190 -15.88 -18.71 59.05
CA TYR D 190 -16.18 -17.35 59.53
C TYR D 190 -15.37 -17.03 60.78
N ASP D 191 -15.25 -18.00 61.69
CA ASP D 191 -14.50 -17.78 62.92
C ASP D 191 -13.03 -17.47 62.65
N ILE D 192 -12.42 -18.16 61.68
CA ILE D 192 -11.02 -17.88 61.34
C ILE D 192 -10.88 -16.46 60.83
N ILE D 193 -11.79 -16.01 59.96
CA ILE D 193 -11.71 -14.67 59.40
C ILE D 193 -11.86 -13.61 60.49
N VAL D 194 -12.86 -13.79 61.36
CA VAL D 194 -13.09 -12.77 62.40
C VAL D 194 -11.94 -12.78 63.41
N ARG D 195 -11.38 -13.96 63.69
CA ARG D 195 -10.23 -14.04 64.59
C ARG D 195 -9.01 -13.33 63.99
N HIS D 196 -8.75 -13.54 62.70
CA HIS D 196 -7.63 -12.86 62.06
C HIS D 196 -7.83 -11.36 62.04
N TYR D 197 -9.05 -10.90 61.76
CA TYR D 197 -9.31 -9.46 61.73
C TYR D 197 -9.19 -8.86 63.12
N ASN D 198 -9.64 -9.58 64.15
CA ASN D 198 -9.48 -9.09 65.52
C ASN D 198 -8.01 -9.03 65.91
N TYR D 199 -7.22 -10.02 65.50
CA TYR D 199 -5.79 -9.98 65.77
C TYR D 199 -5.13 -8.80 65.07
N THR D 200 -5.53 -8.53 63.83
CA THR D 200 -5.01 -7.36 63.13
C THR D 200 -5.64 -6.08 63.66
N GLY D 201 -6.94 -6.11 63.99
CA GLY D 201 -7.63 -4.95 64.52
C GLY D 201 -8.49 -4.21 63.52
N LYS D 202 -8.66 -4.74 62.31
CA LYS D 202 -9.43 -4.08 61.27
C LYS D 202 -10.93 -4.34 61.35
N LEU D 203 -11.37 -5.22 62.25
CA LEU D 203 -12.80 -5.54 62.32
C LEU D 203 -13.61 -4.33 62.73
N ASN D 204 -13.13 -3.56 63.72
CA ASN D 204 -13.72 -2.28 64.11
C ASN D 204 -15.16 -2.41 64.60
N ILE D 205 -15.66 -3.64 64.70
CA ILE D 205 -17.06 -3.91 65.06
C ILE D 205 -17.97 -3.06 64.17
N SER D 206 -17.96 -3.35 62.88
CA SER D 206 -18.73 -2.57 61.93
C SER D 206 -20.22 -2.70 62.20
N ALA D 207 -20.88 -1.56 62.45
CA ALA D 207 -22.31 -1.53 62.72
C ALA D 207 -23.02 -0.52 61.81
N ASP D 208 -22.45 -0.25 60.64
CA ASP D 208 -23.05 0.66 59.69
C ASP D 208 -24.13 -0.03 58.88
N LYS D 209 -25.07 0.76 58.37
CA LYS D 209 -26.17 0.23 57.60
C LYS D 209 -25.68 -0.18 56.21
N GLU D 210 -26.51 -0.96 55.51
CA GLU D 210 -26.11 -1.54 54.22
C GLU D 210 -25.75 -0.46 53.20
N ASN D 211 -26.31 0.74 53.32
CA ASN D 211 -26.04 1.80 52.36
C ASN D 211 -24.55 2.15 52.36
N SER D 212 -24.03 2.45 51.17
CA SER D 212 -22.60 2.73 51.03
C SER D 212 -22.21 4.01 51.75
N ILE D 213 -22.95 5.09 51.53
CA ILE D 213 -22.73 6.43 52.08
C ILE D 213 -21.25 6.78 52.18
N LYS D 214 -20.47 6.40 51.17
CA LYS D 214 -19.04 6.70 51.11
C LYS D 214 -18.76 7.53 49.86
N LEU D 215 -18.24 8.74 50.06
CA LEU D 215 -17.88 9.59 48.93
C LEU D 215 -16.64 9.05 48.22
N THR D 216 -15.72 8.42 48.96
CA THR D 216 -14.55 7.81 48.33
C THR D 216 -14.96 6.73 47.35
N SER D 217 -15.94 5.90 47.72
CA SER D 217 -16.39 4.84 46.84
C SER D 217 -16.96 5.40 45.54
N VAL D 218 -17.78 6.45 45.63
CA VAL D 218 -18.41 6.97 44.42
C VAL D 218 -17.38 7.68 43.54
N VAL D 219 -16.47 8.44 44.13
CA VAL D 219 -15.47 9.11 43.30
C VAL D 219 -14.56 8.08 42.63
N PHE D 220 -14.24 7.00 43.34
CA PHE D 220 -13.36 5.99 42.75
C PHE D 220 -14.08 5.19 41.67
N ILE D 221 -15.37 4.91 41.85
CA ILE D 221 -16.08 4.18 40.79
C ILE D 221 -16.24 5.05 39.56
N LEU D 222 -16.47 6.35 39.73
CA LEU D 222 -16.47 7.24 38.57
C LEU D 222 -15.09 7.28 37.90
N ILE D 223 -14.02 7.29 38.68
CA ILE D 223 -12.67 7.31 38.11
C ILE D 223 -12.42 6.05 37.29
N CYS D 224 -12.77 4.88 37.85
CA CYS D 224 -12.53 3.64 37.11
C CYS D 224 -13.47 3.52 35.91
N CYS D 225 -14.68 4.10 35.99
CA CYS D 225 -15.54 4.14 34.81
C CYS D 225 -14.92 4.99 33.72
N PHE D 226 -14.29 6.10 34.08
CA PHE D 226 -13.56 6.90 33.10
C PHE D 226 -12.41 6.11 32.49
N ILE D 227 -11.70 5.34 33.32
CA ILE D 227 -10.62 4.49 32.82
C ILE D 227 -11.15 3.49 31.80
N ILE D 228 -12.25 2.83 32.15
CA ILE D 228 -12.88 1.87 31.23
C ILE D 228 -13.29 2.56 29.94
N LEU D 229 -13.80 3.79 30.03
CA LEU D 229 -14.20 4.53 28.84
C LEU D 229 -13.01 4.79 27.93
N GLU D 230 -11.91 5.31 28.48
CA GLU D 230 -10.74 5.56 27.64
C GLU D 230 -10.24 4.26 27.02
N ASN D 231 -10.21 3.18 27.79
CA ASN D 231 -9.75 1.91 27.25
C ASN D 231 -10.65 1.42 26.12
N ILE D 232 -11.97 1.55 26.28
CA ILE D 232 -12.87 1.03 25.26
C ILE D 232 -12.79 1.87 23.98
N PHE D 233 -12.65 3.20 24.11
CA PHE D 233 -12.41 4.00 22.91
C PHE D 233 -11.10 3.63 22.22
N VAL D 234 -10.04 3.37 23.00
CA VAL D 234 -8.79 2.94 22.37
C VAL D 234 -8.98 1.62 21.64
N LEU D 235 -9.69 0.68 22.26
CA LEU D 235 -9.90 -0.63 21.64
C LEU D 235 -10.70 -0.50 20.34
N LEU D 236 -11.79 0.27 20.36
CA LEU D 236 -12.56 0.46 19.12
C LEU D 236 -11.74 1.20 18.07
N THR D 237 -10.96 2.20 18.47
CA THR D 237 -10.16 2.94 17.50
C THR D 237 -9.13 2.03 16.82
N ILE D 238 -8.49 1.15 17.59
CA ILE D 238 -7.49 0.28 17.00
C ILE D 238 -8.14 -0.86 16.22
N TRP D 239 -9.38 -1.23 16.60
CA TRP D 239 -10.07 -2.30 15.89
C TRP D 239 -10.61 -1.83 14.54
N LYS D 240 -11.15 -0.62 14.48
CA LYS D 240 -11.84 -0.16 13.28
C LYS D 240 -10.89 -0.03 12.10
N THR D 241 -9.73 0.59 12.32
CA THR D 241 -8.82 0.88 11.21
C THR D 241 -8.11 -0.40 10.76
N LYS D 242 -8.14 -0.64 9.45
CA LYS D 242 -7.42 -1.78 8.89
C LYS D 242 -5.92 -1.52 8.83
N LYS D 243 -5.53 -0.25 8.70
CA LYS D 243 -4.11 0.10 8.66
C LYS D 243 -3.40 -0.25 9.96
N PHE D 244 -4.10 -0.16 11.09
CA PHE D 244 -3.52 -0.46 12.39
C PHE D 244 -3.57 -1.97 12.64
N HIS D 245 -2.58 -2.68 12.10
CA HIS D 245 -2.50 -4.12 12.29
C HIS D 245 -1.09 -4.63 12.53
N ARG D 246 -0.10 -3.75 12.72
CA ARG D 246 1.26 -4.20 12.96
C ARG D 246 1.40 -4.74 14.38
N PRO D 247 2.44 -5.54 14.62
CA PRO D 247 2.63 -6.11 15.98
C PRO D 247 2.73 -5.07 17.08
N MET D 248 3.26 -3.88 16.79
CA MET D 248 3.22 -2.79 17.76
C MET D 248 1.78 -2.52 18.21
N TYR D 249 0.87 -2.46 17.25
CA TYR D 249 -0.53 -2.24 17.60
C TYR D 249 -1.13 -3.43 18.33
N TYR D 250 -0.65 -4.65 18.05
CA TYR D 250 -1.11 -5.79 18.83
C TYR D 250 -0.68 -5.70 20.29
N PHE D 251 0.56 -5.28 20.53
CA PHE D 251 1.01 -5.08 21.91
C PHE D 251 0.22 -3.96 22.59
N ILE D 252 -0.07 -2.88 21.85
CA ILE D 252 -0.86 -1.79 22.40
C ILE D 252 -2.26 -2.28 22.77
N GLY D 253 -2.86 -3.10 21.91
CA GLY D 253 -4.16 -3.68 22.22
C GLY D 253 -4.10 -4.60 23.42
N ASN D 254 -3.01 -5.37 23.55
CA ASN D 254 -2.83 -6.19 24.75
C ASN D 254 -2.81 -5.34 26.01
N LEU D 255 -2.06 -4.24 25.98
CA LEU D 255 -2.02 -3.35 27.13
C LEU D 255 -3.39 -2.75 27.42
N ALA D 256 -4.11 -2.35 26.38
CA ALA D 256 -5.45 -1.80 26.58
C ALA D 256 -6.39 -2.81 27.19
N LEU D 257 -6.32 -4.06 26.73
CA LEU D 257 -7.16 -5.11 27.31
C LEU D 257 -6.80 -5.37 28.76
N SER D 258 -5.50 -5.37 29.07
CA SER D 258 -5.09 -5.57 30.46
C SER D 258 -5.60 -4.45 31.36
N ASP D 259 -5.52 -3.20 30.88
CA ASP D 259 -6.04 -2.08 31.65
C ASP D 259 -7.56 -2.18 31.81
N LEU D 260 -8.25 -2.60 30.75
CA LEU D 260 -9.70 -2.78 30.82
C LEU D 260 -10.07 -3.82 31.88
N LEU D 261 -9.33 -4.94 31.91
CA LEU D 261 -9.58 -5.94 32.93
C LEU D 261 -9.27 -5.40 34.32
N ALA D 262 -8.20 -4.61 34.44
CA ALA D 262 -7.82 -4.07 35.75
C ALA D 262 -8.90 -3.13 36.30
N GLY D 263 -9.48 -2.30 35.43
CA GLY D 263 -10.53 -1.40 35.90
C GLY D 263 -11.75 -2.15 36.41
N VAL D 264 -12.17 -3.19 35.68
CA VAL D 264 -13.31 -4.00 36.10
C VAL D 264 -12.99 -4.71 37.40
N ALA D 265 -11.76 -5.23 37.53
CA ALA D 265 -11.36 -5.88 38.78
C ALA D 265 -11.42 -4.89 39.94
N TYR D 266 -10.95 -3.67 39.73
CA TYR D 266 -10.97 -2.68 40.80
C TYR D 266 -12.40 -2.34 41.21
N THR D 267 -13.29 -2.12 40.24
CA THR D 267 -14.66 -1.75 40.60
C THR D 267 -15.38 -2.92 41.28
N ALA D 268 -15.11 -4.15 40.83
CA ALA D 268 -15.71 -5.31 41.49
C ALA D 268 -15.20 -5.46 42.92
N ASN D 269 -13.91 -5.26 43.13
CA ASN D 269 -13.34 -5.33 44.48
C ASN D 269 -13.89 -4.23 45.38
N LEU D 270 -14.07 -3.02 44.84
CA LEU D 270 -14.57 -1.90 45.62
C LEU D 270 -16.05 -2.06 45.99
N LEU D 271 -16.86 -2.58 45.07
CA LEU D 271 -18.27 -2.75 45.37
C LEU D 271 -18.53 -3.81 46.42
N LEU D 272 -17.58 -4.74 46.62
CA LEU D 272 -17.73 -5.81 47.60
C LEU D 272 -16.97 -5.56 48.89
N SER D 273 -16.32 -4.39 49.03
CA SER D 273 -15.48 -4.14 50.20
C SER D 273 -16.28 -3.83 51.45
N GLY D 274 -17.54 -3.45 51.33
CA GLY D 274 -18.32 -3.10 52.51
C GLY D 274 -18.55 -4.29 53.43
N ALA D 275 -18.95 -5.42 52.87
CA ALA D 275 -19.20 -6.63 53.65
C ALA D 275 -17.99 -7.55 53.62
N THR D 276 -16.86 -7.04 54.10
CA THR D 276 -15.61 -7.80 54.09
C THR D 276 -15.31 -8.48 55.42
N THR D 277 -15.81 -7.95 56.54
CA THR D 277 -15.61 -8.56 57.84
C THR D 277 -16.75 -9.49 58.23
N TYR D 278 -17.72 -9.71 57.34
CA TYR D 278 -18.81 -10.64 57.59
C TYR D 278 -19.39 -11.05 56.24
N LYS D 279 -20.25 -12.07 56.27
CA LYS D 279 -21.01 -12.53 55.12
C LYS D 279 -20.11 -13.03 53.99
N LEU D 280 -18.86 -13.37 54.28
CA LEU D 280 -17.93 -13.84 53.27
C LEU D 280 -17.22 -15.10 53.75
N THR D 281 -17.00 -16.03 52.81
CA THR D 281 -16.22 -17.25 52.92
C THR D 281 -14.77 -16.99 52.55
N PRO D 282 -13.82 -17.76 53.09
CA PRO D 282 -12.40 -17.54 52.73
C PRO D 282 -12.14 -17.68 51.23
N ALA D 283 -12.88 -18.54 50.54
CA ALA D 283 -12.63 -18.76 49.11
C ALA D 283 -12.81 -17.47 48.32
N GLN D 284 -13.95 -16.78 48.51
CA GLN D 284 -14.17 -15.53 47.79
C GLN D 284 -13.20 -14.45 48.22
N TRP D 285 -12.83 -14.43 49.51
CA TRP D 285 -11.87 -13.45 50.00
C TRP D 285 -10.52 -13.62 49.29
N PHE D 286 -10.07 -14.87 49.13
CA PHE D 286 -8.85 -15.11 48.38
C PHE D 286 -9.02 -14.82 46.90
N LEU D 287 -10.20 -15.10 46.34
CA LEU D 287 -10.44 -14.87 44.92
C LEU D 287 -10.35 -13.39 44.57
N ARG D 288 -10.90 -12.53 45.43
CA ARG D 288 -10.84 -11.09 45.19
C ARG D 288 -9.39 -10.62 45.07
N GLU D 289 -8.56 -10.99 46.04
CA GLU D 289 -7.16 -10.56 46.02
C GLU D 289 -6.38 -11.20 44.87
N GLY D 290 -6.68 -12.45 44.53
CA GLY D 290 -6.02 -13.06 43.39
C GLY D 290 -6.33 -12.36 42.08
N SER D 291 -7.61 -12.02 41.88
CA SER D 291 -7.99 -11.25 40.69
C SER D 291 -7.32 -9.89 40.69
N MET D 292 -7.26 -9.25 41.85
CA MET D 292 -6.62 -7.93 41.95
C MET D 292 -5.15 -8.02 41.55
N PHE D 293 -4.43 -9.03 42.08
CA PHE D 293 -3.02 -9.19 41.77
C PHE D 293 -2.79 -9.51 40.30
N VAL D 294 -3.63 -10.37 39.71
CA VAL D 294 -3.50 -10.68 38.29
C VAL D 294 -3.70 -9.41 37.46
N ALA D 295 -4.73 -8.63 37.80
CA ALA D 295 -5.02 -7.42 37.03
C ALA D 295 -3.91 -6.40 37.16
N LEU D 296 -3.30 -6.27 38.33
CA LEU D 296 -2.23 -5.30 38.53
C LEU D 296 -0.86 -5.79 38.08
N SER D 297 -0.71 -7.08 37.79
CA SER D 297 0.54 -7.58 37.24
C SER D 297 0.53 -7.68 35.72
N ALA D 298 -0.65 -7.88 35.12
CA ALA D 298 -0.73 -8.02 33.67
C ALA D 298 -0.26 -6.75 32.96
N SER D 299 -0.63 -5.59 33.49
CA SER D 299 -0.22 -4.33 32.86
C SER D 299 1.28 -4.15 32.89
N VAL D 300 1.91 -4.46 34.04
CA VAL D 300 3.36 -4.32 34.15
C VAL D 300 4.06 -5.27 33.18
N PHE D 301 3.57 -6.52 33.08
CA PHE D 301 4.18 -7.46 32.14
C PHE D 301 3.97 -7.01 30.69
N SER D 302 2.82 -6.40 30.40
CA SER D 302 2.58 -5.87 29.05
C SER D 302 3.56 -4.74 28.72
N LEU D 303 3.81 -3.84 29.68
CA LEU D 303 4.81 -2.80 29.46
C LEU D 303 6.20 -3.39 29.23
N LEU D 304 6.55 -4.43 30.01
CA LEU D 304 7.84 -5.07 29.79
C LEU D 304 7.93 -5.67 28.39
N ALA D 305 6.86 -6.33 27.95
CA ALA D 305 6.85 -6.92 26.61
C ALA D 305 6.99 -5.85 25.53
N ILE D 306 6.29 -4.72 25.70
CA ILE D 306 6.38 -3.64 24.73
C ILE D 306 7.80 -3.10 24.65
N ALA D 307 8.43 -2.89 25.81
CA ALA D 307 9.80 -2.39 25.82
C ALA D 307 10.75 -3.38 25.16
N ILE D 308 10.58 -4.68 25.45
CA ILE D 308 11.44 -5.69 24.84
C ILE D 308 11.29 -5.69 23.33
N GLU D 309 10.05 -5.63 22.83
CA GLU D 309 9.82 -5.64 21.40
C GLU D 309 10.42 -4.40 20.74
N ARG D 310 10.25 -3.23 21.36
CA ARG D 310 10.82 -2.01 20.79
C ARG D 310 12.34 -2.08 20.74
N TYR D 311 12.97 -2.59 21.80
CA TYR D 311 14.42 -2.73 21.79
C TYR D 311 14.88 -3.70 20.71
N ILE D 312 14.16 -4.81 20.55
CA ILE D 312 14.53 -5.79 19.52
C ILE D 312 14.42 -5.17 18.14
N THR D 313 13.33 -4.45 17.87
CA THR D 313 13.14 -3.85 16.55
C THR D 313 14.17 -2.76 16.27
N MET D 314 14.49 -1.93 17.26
CA MET D 314 15.43 -0.84 17.06
C MET D 314 16.88 -1.31 17.05
N LEU D 315 17.17 -2.50 17.58
CA LEU D 315 18.55 -2.98 17.63
C LEU D 315 19.12 -3.18 16.22
N LYS D 316 18.33 -3.76 15.32
CA LYS D 316 18.77 -4.02 13.96
C LYS D 316 17.91 -3.21 12.99
N MET D 317 18.57 -2.61 11.99
CA MET D 317 17.90 -1.78 11.00
C MET D 317 17.54 -2.62 9.78
N LYS D 318 16.29 -2.49 9.33
CA LYS D 318 15.83 -3.14 8.11
C LYS D 318 15.07 -2.13 7.27
N LEU D 319 15.22 -2.24 5.94
CA LEU D 319 14.52 -1.33 5.03
C LEU D 319 13.02 -1.52 5.13
N HIS D 320 12.55 -2.75 5.16
CA HIS D 320 11.14 -3.07 5.37
C HIS D 320 11.00 -3.76 6.73
N ASN D 321 10.13 -3.22 7.57
CA ASN D 321 9.99 -3.68 8.95
C ASN D 321 8.86 -4.68 9.06
N GLY D 322 9.16 -5.83 9.65
CA GLY D 322 8.17 -6.85 9.92
C GLY D 322 8.47 -7.60 11.20
N SER D 323 7.68 -8.62 11.50
CA SER D 323 7.92 -9.41 12.71
C SER D 323 7.29 -10.78 12.54
N ASN D 324 7.95 -11.79 13.12
CA ASN D 324 7.42 -13.15 13.12
C ASN D 324 6.34 -13.28 14.18
N ASN D 325 5.23 -13.95 13.82
CA ASN D 325 4.15 -14.14 14.76
C ASN D 325 4.52 -15.06 15.92
N PHE D 326 5.59 -15.83 15.78
CA PHE D 326 5.99 -16.75 16.84
C PHE D 326 6.36 -16.00 18.11
N ARG D 327 7.22 -14.99 17.98
CA ARG D 327 7.65 -14.21 19.14
C ARG D 327 6.47 -13.45 19.76
N LEU D 328 5.62 -12.87 18.91
CA LEU D 328 4.45 -12.15 19.41
C LEU D 328 3.55 -13.07 20.22
N PHE D 329 3.23 -14.25 19.67
CA PHE D 329 2.39 -15.20 20.39
C PHE D 329 3.06 -15.66 21.67
N LEU D 330 4.36 -15.94 21.63
CA LEU D 330 5.07 -16.40 22.81
C LEU D 330 5.00 -15.37 23.93
N LEU D 331 5.26 -14.11 23.62
CA LEU D 331 5.21 -13.07 24.65
C LEU D 331 3.79 -12.86 25.15
N ILE D 332 2.83 -12.73 24.24
CA ILE D 332 1.45 -12.44 24.61
C ILE D 332 0.82 -13.60 25.37
N SER D 333 1.37 -14.81 25.26
CA SER D 333 0.89 -15.90 26.07
C SER D 333 1.64 -16.01 27.40
N ALA D 334 2.97 -15.88 27.35
CA ALA D 334 3.78 -16.05 28.56
C ALA D 334 3.43 -15.00 29.60
N CYS D 335 3.20 -13.77 29.19
CA CYS D 335 2.84 -12.72 30.15
C CYS D 335 1.56 -13.10 30.89
N TRP D 336 0.54 -13.52 30.16
CA TRP D 336 -0.73 -13.88 30.80
C TRP D 336 -0.58 -15.09 31.70
N VAL D 337 0.17 -16.11 31.26
CA VAL D 337 0.34 -17.31 32.10
C VAL D 337 1.07 -16.97 33.39
N ILE D 338 2.15 -16.18 33.29
CA ILE D 338 2.92 -15.87 34.49
C ILE D 338 2.10 -14.99 35.44
N SER D 339 1.32 -14.04 34.89
CA SER D 339 0.47 -13.22 35.74
C SER D 339 -0.58 -14.08 36.44
N LEU D 340 -1.21 -15.00 35.72
CA LEU D 340 -2.22 -15.86 36.32
C LEU D 340 -1.62 -16.76 37.40
N ILE D 341 -0.44 -17.31 37.15
CA ILE D 341 0.22 -18.16 38.13
C ILE D 341 0.55 -17.36 39.38
N LEU D 342 1.09 -16.15 39.22
CA LEU D 342 1.42 -15.32 40.36
C LEU D 342 0.16 -14.97 41.16
N GLY D 343 -0.93 -14.65 40.47
CA GLY D 343 -2.16 -14.34 41.17
C GLY D 343 -2.75 -15.52 41.90
N GLY D 344 -2.75 -16.70 41.28
CA GLY D 344 -3.35 -17.88 41.85
C GLY D 344 -2.49 -18.68 42.79
N LEU D 345 -1.21 -18.34 42.95
CA LEU D 345 -0.37 -19.05 43.92
C LEU D 345 -0.89 -18.96 45.35
N PRO D 346 -1.30 -17.80 45.88
CA PRO D 346 -1.70 -17.77 47.30
C PRO D 346 -2.92 -18.59 47.65
N ILE D 347 -3.75 -18.97 46.66
CA ILE D 347 -5.00 -19.66 46.99
C ILE D 347 -4.74 -21.02 47.63
N MET D 348 -3.57 -21.61 47.41
CA MET D 348 -3.23 -22.91 47.98
C MET D 348 -2.07 -22.84 48.95
N GLY D 349 -0.95 -22.23 48.55
CA GLY D 349 0.21 -22.13 49.41
C GLY D 349 0.44 -20.74 49.94
N TRP D 350 1.23 -20.64 51.01
CA TRP D 350 1.53 -19.33 51.62
C TRP D 350 0.21 -18.65 51.97
N ASN D 351 -0.73 -19.39 52.55
CA ASN D 351 -2.05 -18.87 52.87
C ASN D 351 -2.17 -18.32 54.29
N CYS D 352 -1.17 -18.54 55.14
CA CYS D 352 -1.07 -17.94 56.48
C CYS D 352 -2.25 -18.30 57.38
N ILE D 353 -3.11 -19.25 56.97
CA ILE D 353 -4.28 -19.56 57.78
C ILE D 353 -3.90 -20.29 59.07
N SER D 354 -2.74 -20.94 59.09
CA SER D 354 -2.29 -21.68 60.27
C SER D 354 -1.48 -20.81 61.21
N ALA D 355 -0.43 -20.17 60.68
CA ALA D 355 0.41 -19.30 61.49
C ALA D 355 -0.31 -18.01 61.83
N LEU D 356 -0.24 -17.62 63.10
CA LEU D 356 -0.85 -16.37 63.58
C LEU D 356 0.17 -15.26 63.77
N SER D 357 1.41 -15.47 63.34
CA SER D 357 2.47 -14.49 63.54
C SER D 357 3.07 -13.95 62.25
N SER D 358 2.83 -14.60 61.12
CA SER D 358 3.42 -14.20 59.84
C SER D 358 2.39 -13.63 58.88
N CYS D 359 1.22 -13.23 59.38
CA CYS D 359 0.18 -12.63 58.54
C CYS D 359 0.34 -11.13 58.51
N SER D 360 0.27 -10.56 57.31
CA SER D 360 0.43 -9.11 57.14
C SER D 360 -0.79 -8.38 57.70
N THR D 361 -0.62 -7.07 57.90
CA THR D 361 -1.68 -6.23 58.46
C THR D 361 -2.54 -5.56 57.41
N VAL D 362 -1.96 -5.12 56.30
CA VAL D 362 -2.77 -4.54 55.23
C VAL D 362 -3.67 -5.59 54.60
N LEU D 363 -3.14 -6.79 54.38
CA LEU D 363 -3.90 -7.91 53.84
C LEU D 363 -3.75 -9.10 54.77
N PRO D 364 -4.73 -9.37 55.62
CA PRO D 364 -4.64 -10.56 56.49
C PRO D 364 -4.69 -11.84 55.67
N LEU D 365 -4.39 -12.95 56.34
CA LEU D 365 -4.36 -14.28 55.72
C LEU D 365 -3.35 -14.36 54.58
N TYR D 366 -2.29 -13.56 54.63
CA TYR D 366 -1.27 -13.54 53.59
C TYR D 366 0.11 -13.65 54.22
N HIS D 367 0.90 -14.60 53.74
CA HIS D 367 2.28 -14.73 54.19
C HIS D 367 3.14 -13.64 53.56
N LYS D 368 4.07 -13.10 54.35
CA LYS D 368 4.90 -11.98 53.90
C LYS D 368 5.91 -12.40 52.84
N HIS D 369 6.23 -13.70 52.75
CA HIS D 369 7.17 -14.16 51.73
C HIS D 369 6.62 -13.91 50.32
N TYR D 370 5.31 -14.08 50.14
CA TYR D 370 4.70 -13.78 48.86
C TYR D 370 4.85 -12.29 48.51
N ILE D 371 4.67 -11.42 49.51
CA ILE D 371 4.83 -9.99 49.27
C ILE D 371 6.27 -9.67 48.89
N LEU D 372 7.24 -10.29 49.58
CA LEU D 372 8.64 -10.07 49.23
C LEU D 372 8.94 -10.53 47.81
N PHE D 373 8.42 -11.70 47.42
CA PHE D 373 8.63 -12.21 46.07
C PHE D 373 8.03 -11.26 45.04
N CYS D 374 6.80 -10.78 45.30
CA CYS D 374 6.15 -9.88 44.37
C CYS D 374 6.92 -8.58 44.22
N THR D 375 7.41 -8.01 45.33
CA THR D 375 8.13 -6.75 45.24
C THR D 375 9.48 -6.92 44.56
N THR D 376 10.14 -8.07 44.76
CA THR D 376 11.38 -8.33 44.03
C THR D 376 11.12 -8.44 42.54
N VAL D 377 10.03 -9.12 42.15
CA VAL D 377 9.67 -9.20 40.74
C VAL D 377 9.40 -7.80 40.19
N PHE D 378 8.69 -6.97 40.95
CA PHE D 378 8.35 -5.63 40.49
C PHE D 378 9.61 -4.80 40.27
N THR D 379 10.54 -4.84 41.23
CA THR D 379 11.75 -4.03 41.07
C THR D 379 12.63 -4.56 39.93
N LEU D 380 12.66 -5.88 39.74
CA LEU D 380 13.40 -6.43 38.60
C LEU D 380 12.82 -5.96 37.28
N LEU D 381 11.49 -5.96 37.16
CA LEU D 381 10.85 -5.49 35.93
C LEU D 381 11.12 -4.01 35.71
N LEU D 382 11.07 -3.21 36.78
CA LEU D 382 11.37 -1.78 36.65
C LEU D 382 12.80 -1.57 36.15
N LEU D 383 13.75 -2.29 36.74
CA LEU D 383 15.14 -2.16 36.30
C LEU D 383 15.30 -2.56 34.84
N SER D 384 14.66 -3.65 34.43
CA SER D 384 14.77 -4.10 33.05
C SER D 384 14.20 -3.07 32.09
N ILE D 385 13.04 -2.50 32.41
CA ILE D 385 12.43 -1.51 31.52
C ILE D 385 13.31 -0.27 31.40
N VAL D 386 13.82 0.21 32.53
CA VAL D 386 14.67 1.41 32.50
C VAL D 386 15.93 1.14 31.69
N ILE D 387 16.56 -0.01 31.90
CA ILE D 387 17.78 -0.34 31.17
C ILE D 387 17.50 -0.43 29.67
N LEU D 388 16.38 -1.06 29.29
CA LEU D 388 16.06 -1.21 27.88
C LEU D 388 15.85 0.15 27.22
N TYR D 389 15.08 1.03 27.86
CA TYR D 389 14.84 2.34 27.26
C TYR D 389 16.13 3.16 27.17
N CYS D 390 16.96 3.11 28.21
CA CYS D 390 18.24 3.81 28.16
C CYS D 390 19.12 3.28 27.03
N ARG D 391 19.13 1.96 26.85
CA ARG D 391 19.92 1.37 25.77
C ARG D 391 19.41 1.81 24.40
N ILE D 392 18.08 1.85 24.23
CA ILE D 392 17.51 2.30 22.96
C ILE D 392 17.95 3.72 22.66
N TYR D 393 17.81 4.62 23.65
CA TYR D 393 18.18 6.02 23.42
C TYR D 393 19.67 6.16 23.13
N SER D 394 20.51 5.44 23.88
CA SER D 394 21.95 5.52 23.67
C SER D 394 22.33 5.01 22.30
N LEU D 395 21.73 3.90 21.86
CA LEU D 395 22.01 3.36 20.54
C LEU D 395 21.62 4.36 19.45
N VAL D 396 20.44 4.96 19.57
CA VAL D 396 20.00 5.92 18.56
C VAL D 396 20.95 7.11 18.50
N ARG D 397 21.31 7.66 19.67
CA ARG D 397 22.20 8.81 19.71
C ARG D 397 23.56 8.49 19.11
N THR D 398 24.15 7.36 19.50
CA THR D 398 25.47 7.00 19.02
C THR D 398 25.46 6.75 17.52
N ARG D 399 24.43 6.06 17.02
CA ARG D 399 24.37 5.78 15.59
C ARG D 399 24.13 7.05 14.78
N SER D 400 23.37 8.00 15.34
CA SER D 400 23.03 9.19 14.56
C SER D 400 24.15 10.21 14.56
N ARG D 401 24.59 10.66 15.74
CA ARG D 401 25.49 11.81 15.79
C ARG D 401 26.85 11.50 15.17
N ARG D 402 27.45 10.36 15.51
CA ARG D 402 28.81 10.09 15.07
C ARG D 402 28.90 9.77 13.59
N LEU D 403 27.99 8.94 13.08
CA LEU D 403 28.11 8.48 11.70
C LEU D 403 27.83 9.60 10.70
N THR D 404 26.90 10.49 11.01
CA THR D 404 26.46 11.52 10.07
C THR D 404 27.18 12.83 10.37
N PHE D 405 27.89 13.35 9.38
CA PHE D 405 28.61 14.61 9.50
C PHE D 405 28.37 15.47 8.26
N ARG D 406 27.11 15.59 7.85
CA ARG D 406 26.75 16.34 6.65
C ARG D 406 26.84 17.83 6.92
N LYS D 407 26.41 18.63 5.94
CA LYS D 407 26.45 20.08 6.08
C LYS D 407 25.42 20.55 7.10
N ASN D 408 25.47 21.85 7.40
CA ASN D 408 24.59 22.46 8.37
C ASN D 408 23.83 23.62 7.74
N ILE D 409 22.61 23.84 8.22
CA ILE D 409 21.76 24.90 7.70
C ILE D 409 21.04 25.60 8.85
N SER D 416 19.09 17.26 14.56
CA SER D 416 19.24 16.50 15.79
C SER D 416 17.95 16.52 16.60
N GLU D 417 16.85 16.91 15.96
CA GLU D 417 15.56 16.95 16.65
C GLU D 417 15.08 15.56 17.03
N LYS D 418 15.51 14.53 16.29
CA LYS D 418 15.09 13.16 16.60
C LYS D 418 15.54 12.75 17.99
N SER D 419 16.80 13.06 18.33
CA SER D 419 17.31 12.72 19.66
C SER D 419 16.55 13.45 20.75
N LEU D 420 16.24 14.73 20.52
CA LEU D 420 15.49 15.50 21.52
C LEU D 420 14.10 14.93 21.72
N ALA D 421 13.41 14.58 20.64
CA ALA D 421 12.06 14.00 20.75
C ALA D 421 12.12 12.66 21.47
N LEU D 422 13.11 11.83 21.13
CA LEU D 422 13.26 10.54 21.80
C LEU D 422 13.52 10.73 23.29
N LEU D 423 14.38 11.67 23.65
CA LEU D 423 14.66 11.92 25.06
C LEU D 423 13.42 12.42 25.78
N LYS D 424 12.64 13.30 25.15
CA LYS D 424 11.43 13.80 25.78
C LYS D 424 10.44 12.67 26.03
N THR D 425 10.23 11.80 25.03
CA THR D 425 9.31 10.68 25.21
C THR D 425 9.79 9.75 26.31
N VAL D 426 11.09 9.44 26.32
CA VAL D 426 11.63 8.51 27.32
C VAL D 426 11.47 9.08 28.73
N ILE D 427 11.82 10.35 28.91
CA ILE D 427 11.73 10.93 30.25
C ILE D 427 10.28 11.03 30.68
N ILE D 428 9.37 11.35 29.76
CA ILE D 428 7.96 11.43 30.13
C ILE D 428 7.45 10.08 30.61
N VAL D 429 7.70 9.02 29.82
CA VAL D 429 7.16 7.72 30.19
C VAL D 429 7.78 7.22 31.50
N LEU D 430 9.10 7.38 31.65
CA LEU D 430 9.74 6.90 32.88
C LEU D 430 9.28 7.71 34.08
N SER D 431 9.19 9.03 33.95
CA SER D 431 8.75 9.86 35.06
C SER D 431 7.36 9.44 35.51
N VAL D 432 6.43 9.27 34.56
CA VAL D 432 5.08 8.86 34.92
C VAL D 432 5.12 7.51 35.63
N PHE D 433 5.81 6.53 35.03
CA PHE D 433 5.75 5.16 35.54
C PHE D 433 6.30 5.07 36.96
N ILE D 434 7.52 5.57 37.19
CA ILE D 434 8.07 5.48 38.54
C ILE D 434 7.33 6.39 39.51
N ALA D 435 7.04 7.63 39.11
CA ALA D 435 6.41 8.57 40.03
C ALA D 435 5.02 8.15 40.45
N CYS D 436 4.37 7.25 39.70
CA CYS D 436 3.03 6.81 40.10
C CYS D 436 2.93 5.32 40.40
N TRP D 437 4.05 4.57 40.36
CA TRP D 437 4.10 3.26 40.99
C TRP D 437 4.93 3.23 42.28
N ALA D 438 5.64 4.31 42.60
CA ALA D 438 6.42 4.32 43.83
C ALA D 438 5.60 4.12 45.12
N PRO D 439 4.46 4.80 45.33
CA PRO D 439 3.79 4.69 46.64
C PRO D 439 3.43 3.27 47.05
N LEU D 440 2.94 2.44 46.12
CA LEU D 440 2.59 1.07 46.48
C LEU D 440 3.83 0.26 46.84
N PHE D 441 4.92 0.47 46.11
CA PHE D 441 6.20 -0.15 46.44
C PHE D 441 6.62 0.19 47.87
N ILE D 442 6.56 1.49 48.20
CA ILE D 442 6.96 1.93 49.54
C ILE D 442 6.02 1.35 50.61
N LEU D 443 4.73 1.32 50.33
CA LEU D 443 3.78 0.79 51.30
C LEU D 443 4.00 -0.70 51.54
N LEU D 444 4.27 -1.47 50.48
CA LEU D 444 4.54 -2.89 50.66
C LEU D 444 5.82 -3.12 51.45
N LEU D 445 6.85 -2.32 51.18
CA LEU D 445 8.08 -2.45 51.97
C LEU D 445 7.85 -2.09 53.44
N LEU D 446 7.05 -1.04 53.69
CA LEU D 446 6.74 -0.68 55.06
C LEU D 446 5.95 -1.78 55.75
N ASP D 447 5.03 -2.43 55.03
CA ASP D 447 4.28 -3.54 55.58
C ASP D 447 5.19 -4.70 55.95
N VAL D 448 6.06 -5.12 55.04
CA VAL D 448 6.95 -6.24 55.34
C VAL D 448 7.96 -5.85 56.42
N GLY D 449 8.19 -4.55 56.62
CA GLY D 449 9.12 -4.11 57.65
C GLY D 449 8.52 -4.03 59.04
N CYS D 450 7.34 -3.41 59.17
CA CYS D 450 6.73 -3.25 60.48
C CYS D 450 6.19 -4.58 61.00
N LYS D 451 5.96 -4.63 62.31
CA LYS D 451 5.33 -5.76 62.97
C LYS D 451 3.87 -5.46 63.28
N VAL D 452 3.18 -6.45 63.85
CA VAL D 452 1.80 -6.28 64.22
C VAL D 452 1.70 -5.36 65.43
N LYS D 453 0.71 -4.46 65.40
CA LYS D 453 0.48 -3.49 66.47
C LYS D 453 1.71 -2.64 66.74
N THR D 454 2.45 -2.30 65.69
CA THR D 454 3.67 -1.51 65.80
C THR D 454 3.62 -0.22 64.99
N CYS D 455 3.10 -0.26 63.77
CA CYS D 455 3.00 0.92 62.91
C CYS D 455 1.53 1.21 62.67
N ASP D 456 1.11 2.45 62.97
CA ASP D 456 -0.29 2.87 62.87
C ASP D 456 -0.52 3.75 61.65
N ILE D 457 0.16 3.43 60.55
CA ILE D 457 0.03 4.18 59.31
C ILE D 457 -0.60 3.33 58.20
N LEU D 458 -0.49 2.01 58.26
CA LEU D 458 -0.85 1.13 57.15
C LEU D 458 -2.33 1.15 56.81
N PHE D 459 -3.19 1.69 57.67
CA PHE D 459 -4.62 1.70 57.38
C PHE D 459 -4.98 2.84 56.45
N ARG D 460 -4.23 2.99 55.36
CA ARG D 460 -4.50 4.02 54.36
C ARG D 460 -4.26 3.51 52.93
N ALA D 461 -4.28 2.19 52.73
CA ALA D 461 -3.86 1.62 51.46
C ALA D 461 -4.80 1.95 50.31
N GLU D 462 -6.01 2.42 50.59
CA GLU D 462 -6.96 2.70 49.52
C GLU D 462 -6.46 3.80 48.60
N TYR D 463 -5.86 4.85 49.18
CA TYR D 463 -5.35 5.96 48.36
C TYR D 463 -4.20 5.50 47.46
N PHE D 464 -3.26 4.71 48.00
CA PHE D 464 -2.16 4.22 47.18
C PHE D 464 -2.67 3.28 46.09
N LEU D 465 -3.62 2.42 46.42
CA LEU D 465 -4.18 1.52 45.42
C LEU D 465 -4.88 2.28 44.30
N VAL D 466 -5.66 3.30 44.65
CA VAL D 466 -6.35 4.06 43.62
C VAL D 466 -5.36 4.88 42.80
N LEU D 467 -4.27 5.36 43.41
CA LEU D 467 -3.24 6.05 42.64
C LEU D 467 -2.59 5.11 41.63
N ALA D 468 -2.29 3.86 42.06
CA ALA D 468 -1.71 2.89 41.13
C ALA D 468 -2.68 2.57 40.00
N VAL D 469 -3.97 2.42 40.32
CA VAL D 469 -4.95 2.13 39.28
C VAL D 469 -5.08 3.33 38.33
N LEU D 470 -4.97 4.55 38.86
CA LEU D 470 -5.03 5.73 38.00
C LEU D 470 -3.84 5.77 37.05
N ASN D 471 -2.65 5.42 37.54
CA ASN D 471 -1.50 5.32 36.66
C ASN D 471 -1.73 4.29 35.57
N SER D 472 -2.22 3.10 35.95
CA SER D 472 -2.49 2.08 34.96
C SER D 472 -3.52 2.57 33.94
N GLY D 473 -4.50 3.35 34.39
CA GLY D 473 -5.51 3.87 33.49
C GLY D 473 -4.97 4.89 32.52
N THR D 474 -4.05 5.75 32.96
CA THR D 474 -3.54 6.80 32.09
C THR D 474 -2.30 6.35 31.31
N ASN D 475 -2.38 5.15 30.73
CA ASN D 475 -1.42 4.68 29.73
C ASN D 475 -1.80 5.14 28.32
N PRO D 476 -3.06 4.98 27.89
CA PRO D 476 -3.40 5.37 26.52
C PRO D 476 -3.11 6.81 26.18
N ILE D 477 -3.26 7.74 27.12
CA ILE D 477 -2.95 9.13 26.85
C ILE D 477 -1.52 9.28 26.36
N ILE D 478 -0.58 8.68 27.08
CA ILE D 478 0.83 8.73 26.69
C ILE D 478 1.04 7.98 25.38
N TYR D 479 0.44 6.80 25.25
CA TYR D 479 0.76 5.94 24.11
C TYR D 479 0.01 6.28 22.84
N THR D 480 -0.88 7.27 22.86
CA THR D 480 -1.48 7.77 21.62
C THR D 480 -1.25 9.25 21.38
N LEU D 481 -0.88 10.03 22.40
CA LEU D 481 -0.68 11.46 22.20
C LEU D 481 0.63 11.75 21.45
N THR D 482 1.69 11.00 21.74
CA THR D 482 2.99 11.30 21.15
C THR D 482 2.99 11.00 19.64
N ASN D 483 2.34 9.92 19.23
CA ASN D 483 2.38 9.51 17.83
C ASN D 483 1.48 10.40 16.99
N LYS D 484 2.00 10.89 15.87
CA LYS D 484 1.24 11.76 14.99
C LYS D 484 0.03 11.03 14.40
N GLU D 485 0.26 9.83 13.86
CA GLU D 485 -0.76 9.12 13.11
C GLU D 485 -1.94 8.73 13.98
N MET D 486 -1.68 8.28 15.21
CA MET D 486 -2.77 7.87 16.09
C MET D 486 -3.67 9.04 16.43
N ARG D 487 -3.08 10.20 16.73
CA ARG D 487 -3.89 11.38 17.01
C ARG D 487 -4.63 11.87 15.78
N ARG D 488 -4.01 11.75 14.60
CA ARG D 488 -4.73 12.11 13.37
C ARG D 488 -5.94 11.21 13.18
N ALA D 489 -5.78 9.91 13.40
CA ALA D 489 -6.90 8.99 13.29
C ALA D 489 -7.98 9.29 14.32
N PHE D 490 -7.58 9.63 15.54
CA PHE D 490 -8.55 9.97 16.57
C PHE D 490 -9.32 11.24 16.20
N ILE D 491 -8.63 12.24 15.64
CA ILE D 491 -9.29 13.45 15.17
C ILE D 491 -10.28 13.10 14.05
N ARG D 492 -9.88 12.18 13.16
CA ARG D 492 -10.80 11.73 12.13
C ARG D 492 -12.03 11.06 12.74
N ILE D 493 -11.83 10.26 13.78
CA ILE D 493 -12.93 9.61 14.48
C ILE D 493 -13.52 10.55 15.52
C1 A1LYQ E . -9.22 -5.39 48.74
C10 A1LYQ E . 0.24 -5.00 42.43
C11 A1LYQ E . 0.61 -5.02 41.10
C12 A1LYQ E . 1.62 -5.83 40.66
C13 A1LYQ E . 2.27 -6.63 41.56
C14 A1LYQ E . 1.92 -6.63 42.91
C15 A1LYQ E . -2.48 -5.23 46.43
C16 A1LYQ E . -5.23 -3.89 49.30
C17 A1LYQ E . -6.20 -3.58 50.24
C18 A1LYQ E . -5.87 -2.73 51.44
C19 A1LYQ E . -7.49 -4.07 50.04
C2 A1LYQ E . -7.82 -4.87 48.94
C20 A1LYQ E . -8.52 -4.65 52.08
C21 A1LYQ E . -9.85 -5.37 52.20
C3 A1LYQ E . -6.81 -5.15 48.02
C4 A1LYQ E . -5.52 -4.67 48.20
C5 A1LYQ E . -4.50 -5.00 47.22
C6 A1LYQ E . -3.40 -5.60 45.48
C7 A1LYQ E . -2.94 -6.03 44.25
C8 A1LYQ E . -0.81 -5.71 44.97
C9 A1LYQ E . 0.90 -5.81 43.33
N1 A1LYQ E . -4.68 -5.46 46.01
N2 A1LYQ E . -1.64 -6.09 44.01
N3 A1LYQ E . -1.21 -5.29 46.17
O1 A1LYQ E . 0.51 -5.77 44.68
O2 A1LYQ E . -3.18 -4.85 47.53
O3 A1LYQ E . -8.46 -3.78 50.95
O4 A1LYQ E . -10.06 -6.33 51.44
O5 A1LYQ E . -10.65 -4.95 53.07
CL1 A1LYQ E . 3.56 -7.65 41.02
#